data_3CNC
#
_entry.id   3CNC
#
_cell.length_a   167.830
_cell.length_b   167.830
_cell.length_c   262.161
_cell.angle_alpha   90.00
_cell.angle_beta   90.00
_cell.angle_gamma   120.00
#
_symmetry.space_group_name_H-M   'P 65 2 2'
#
loop_
_entity.id
_entity.type
_entity.pdbx_description
1 polymer 'Fiber protein'
2 water water
#
_entity_poly.entity_id   1
_entity_poly.type   'polypeptide(L)'
_entity_poly.pdbx_seq_one_letter_code
;GSHMASMTGGQQMGRGSDSSNAITIENNTLWTGAKPSANCVIKEGEDSPDCKLTLVLVKNGGLINGYITLMGASEYTNTL
FKNNQVTIDVNLAFDNTGQIITYLSSLKSNLNFKDNQNMATGTITSAKGFMPSTTAYPFITYATETLNEDYIYGECYYKS
TNGTLFPLKVTVTLNRRMLASGMAYAMNFSWSLNAEEAPETTEVTLITSPFFFSYIREDD
;
_entity_poly.pdbx_strand_id   A,B,C,D,E,F
#
# COMPACT_ATOMS: atom_id res chain seq x y z
N ILE A 25 8.89 -15.95 2.72
CA ILE A 25 8.49 -16.67 1.47
C ILE A 25 7.62 -17.90 1.73
N GLU A 26 6.37 -17.82 1.31
CA GLU A 26 5.43 -18.93 1.47
C GLU A 26 5.28 -19.66 0.12
N ASN A 27 5.97 -20.79 0.00
CA ASN A 27 5.95 -21.58 -1.25
C ASN A 27 4.69 -22.42 -1.50
N ASN A 28 3.65 -22.27 -0.70
CA ASN A 28 2.41 -23.03 -0.93
C ASN A 28 1.46 -22.14 -1.73
N THR A 29 1.97 -21.00 -2.16
CA THR A 29 1.18 -20.05 -2.93
C THR A 29 1.93 -19.62 -4.18
N LEU A 30 1.28 -19.73 -5.33
CA LEU A 30 1.88 -19.32 -6.59
C LEU A 30 0.97 -18.19 -7.08
N TRP A 31 1.51 -16.99 -7.22
CA TRP A 31 0.68 -15.86 -7.64
C TRP A 31 1.37 -14.74 -8.41
N THR A 32 0.59 -13.73 -8.77
CA THR A 32 1.07 -12.57 -9.50
C THR A 32 1.43 -11.47 -8.50
N GLY A 33 1.25 -11.76 -7.22
CA GLY A 33 1.49 -10.77 -6.19
C GLY A 33 0.15 -10.07 -6.00
N ALA A 34 -0.06 -9.39 -4.88
CA ALA A 34 -1.33 -8.67 -4.72
C ALA A 34 -1.17 -7.40 -5.56
N LYS A 35 -2.26 -6.80 -6.00
CA LYS A 35 -2.18 -5.57 -6.81
C LYS A 35 -0.96 -5.38 -7.72
N PRO A 36 -0.85 -6.22 -8.77
CA PRO A 36 0.29 -6.13 -9.70
C PRO A 36 0.16 -5.00 -10.76
N SER A 37 1.29 -4.65 -11.37
CA SER A 37 1.32 -3.64 -12.42
C SER A 37 0.85 -4.34 -13.68
N ALA A 38 0.54 -3.59 -14.73
CA ALA A 38 0.08 -4.20 -15.97
C ALA A 38 1.05 -5.34 -16.28
N ASN A 39 0.50 -6.55 -16.39
CA ASN A 39 1.32 -7.74 -16.64
C ASN A 39 0.66 -8.69 -17.64
N CYS A 40 -0.47 -8.28 -18.18
CA CYS A 40 -1.23 -9.16 -19.05
C CYS A 40 -1.72 -8.52 -20.36
N VAL A 41 -1.70 -9.28 -21.44
CA VAL A 41 -2.16 -8.81 -22.75
C VAL A 41 -3.49 -9.43 -23.16
N ILE A 42 -4.50 -8.58 -23.32
CA ILE A 42 -5.83 -9.04 -23.70
C ILE A 42 -6.15 -8.74 -25.16
N LYS A 43 -5.51 -7.72 -25.73
CA LYS A 43 -5.76 -7.35 -27.12
C LYS A 43 -5.06 -8.27 -28.11
N GLU A 44 -5.81 -8.72 -29.11
CA GLU A 44 -5.34 -9.61 -30.18
C GLU A 44 -4.04 -9.13 -30.84
N GLY A 45 -3.05 -10.01 -30.91
CA GLY A 45 -1.79 -9.66 -31.54
C GLY A 45 -0.84 -8.85 -30.69
N GLU A 46 -1.37 -8.07 -29.75
CA GLU A 46 -0.52 -7.24 -28.88
C GLU A 46 0.52 -8.04 -28.12
N ASP A 47 1.62 -7.38 -27.79
CA ASP A 47 2.72 -8.01 -27.06
C ASP A 47 3.01 -7.29 -25.74
N SER A 48 2.57 -6.04 -25.64
CA SER A 48 2.78 -5.25 -24.43
C SER A 48 1.54 -5.26 -23.54
N PRO A 49 1.75 -5.39 -22.22
CA PRO A 49 0.69 -5.42 -21.21
C PRO A 49 -0.33 -4.31 -21.38
N ASP A 50 -1.61 -4.69 -21.41
CA ASP A 50 -2.67 -3.70 -21.54
C ASP A 50 -3.71 -3.84 -20.42
N CYS A 51 -3.37 -4.64 -19.41
CA CYS A 51 -4.24 -4.83 -18.25
C CYS A 51 -3.53 -5.57 -17.11
N LYS A 52 -4.11 -5.48 -15.91
CA LYS A 52 -3.53 -6.10 -14.72
C LYS A 52 -4.26 -7.38 -14.34
N LEU A 53 -3.52 -8.49 -14.33
CA LEU A 53 -4.09 -9.79 -13.98
C LEU A 53 -3.67 -10.22 -12.59
N THR A 54 -4.64 -10.46 -11.72
CA THR A 54 -4.34 -10.93 -10.37
C THR A 54 -4.78 -12.40 -10.32
N LEU A 55 -3.83 -13.28 -10.07
CA LEU A 55 -4.14 -14.70 -10.02
C LEU A 55 -3.42 -15.31 -8.84
N VAL A 56 -4.17 -16.00 -7.98
CA VAL A 56 -3.57 -16.65 -6.84
C VAL A 56 -3.90 -18.14 -6.86
N LEU A 57 -2.86 -18.97 -6.85
CA LEU A 57 -3.04 -20.43 -6.85
C LEU A 57 -2.48 -20.92 -5.52
N VAL A 58 -3.30 -21.61 -4.73
CA VAL A 58 -2.84 -22.12 -3.45
C VAL A 58 -2.99 -23.64 -3.25
N LYS A 59 -1.89 -24.31 -2.93
CA LYS A 59 -1.91 -25.75 -2.70
C LYS A 59 -2.72 -26.06 -1.45
N ASN A 60 -3.80 -26.81 -1.63
CA ASN A 60 -4.64 -27.17 -0.50
C ASN A 60 -4.90 -28.66 -0.61
N GLY A 61 -3.96 -29.45 -0.09
CA GLY A 61 -4.10 -30.89 -0.16
C GLY A 61 -4.03 -31.31 -1.62
N GLY A 62 -4.98 -32.14 -2.05
CA GLY A 62 -5.00 -32.58 -3.43
C GLY A 62 -5.59 -31.56 -4.39
N LEU A 63 -6.04 -30.42 -3.85
CA LEU A 63 -6.64 -29.37 -4.66
C LEU A 63 -5.80 -28.08 -4.70
N ILE A 64 -6.12 -27.24 -5.69
CA ILE A 64 -5.51 -25.92 -5.79
C ILE A 64 -6.71 -25.02 -5.57
N ASN A 65 -6.60 -24.06 -4.66
CA ASN A 65 -7.67 -23.08 -4.45
C ASN A 65 -7.25 -21.86 -5.28
N GLY A 66 -8.05 -21.49 -6.26
CA GLY A 66 -7.70 -20.36 -7.11
C GLY A 66 -8.50 -19.09 -6.94
N TYR A 67 -7.84 -17.96 -7.20
CA TYR A 67 -8.45 -16.63 -7.09
C TYR A 67 -8.00 -15.81 -8.31
N ILE A 68 -8.95 -15.23 -9.03
CA ILE A 68 -8.57 -14.47 -10.22
C ILE A 68 -9.43 -13.25 -10.45
N THR A 69 -8.76 -12.17 -10.85
CA THR A 69 -9.40 -10.91 -11.14
C THR A 69 -8.63 -10.11 -12.20
N LEU A 70 -9.38 -9.33 -12.99
CA LEU A 70 -8.83 -8.50 -14.05
C LEU A 70 -9.09 -7.00 -13.85
N MET A 71 -8.09 -6.18 -14.13
CA MET A 71 -8.27 -4.73 -14.04
C MET A 71 -7.68 -4.06 -15.29
N GLY A 72 -8.52 -3.39 -16.07
CA GLY A 72 -8.06 -2.73 -17.28
C GLY A 72 -6.96 -1.70 -17.07
N ALA A 73 -6.08 -1.57 -18.06
CA ALA A 73 -4.97 -0.62 -17.97
C ALA A 73 -4.65 0.06 -19.33
N SER A 74 -5.67 0.28 -20.14
CA SER A 74 -5.50 0.92 -21.43
C SER A 74 -6.83 1.34 -22.00
N GLU A 75 -6.79 2.33 -22.89
CA GLU A 75 -8.00 2.84 -23.52
C GLU A 75 -8.76 1.70 -24.21
N TYR A 76 -8.03 0.74 -24.76
CA TYR A 76 -8.67 -0.39 -25.42
C TYR A 76 -9.48 -1.23 -24.44
N THR A 77 -8.82 -1.73 -23.39
CA THR A 77 -9.49 -2.56 -22.40
C THR A 77 -10.58 -1.75 -21.70
N ASN A 78 -10.29 -0.50 -21.40
CA ASN A 78 -11.26 0.32 -20.68
C ASN A 78 -12.39 0.88 -21.55
N THR A 79 -12.47 0.38 -22.77
CA THR A 79 -13.51 0.81 -23.69
C THR A 79 -14.36 -0.39 -24.06
N LEU A 80 -13.78 -1.58 -23.93
CA LEU A 80 -14.45 -2.82 -24.27
C LEU A 80 -15.91 -2.90 -23.87
N PHE A 81 -16.27 -2.29 -22.74
CA PHE A 81 -17.65 -2.36 -22.29
C PHE A 81 -18.60 -1.29 -22.78
N LYS A 82 -18.30 -0.73 -23.94
CA LYS A 82 -19.19 0.26 -24.54
C LYS A 82 -20.03 -0.55 -25.53
N ASN A 83 -19.79 -1.86 -25.53
CA ASN A 83 -20.51 -2.82 -26.37
C ASN A 83 -21.31 -3.71 -25.43
N ASN A 84 -22.37 -4.33 -25.92
CA ASN A 84 -23.20 -5.19 -25.09
C ASN A 84 -22.83 -6.67 -25.13
N GLN A 85 -21.94 -7.03 -26.05
CA GLN A 85 -21.51 -8.42 -26.18
C GLN A 85 -20.00 -8.46 -26.30
N VAL A 86 -19.34 -8.93 -25.23
CA VAL A 86 -17.89 -9.00 -25.21
C VAL A 86 -17.38 -10.29 -24.60
N THR A 87 -16.21 -10.73 -25.05
CA THR A 87 -15.61 -11.94 -24.52
C THR A 87 -14.15 -11.65 -24.35
N ILE A 88 -13.68 -11.77 -23.11
CA ILE A 88 -12.28 -11.54 -22.77
C ILE A 88 -11.60 -12.88 -22.52
N ASP A 89 -10.39 -13.03 -23.04
CA ASP A 89 -9.65 -14.27 -22.87
C ASP A 89 -8.29 -14.03 -22.30
N VAL A 90 -7.88 -14.91 -21.40
CA VAL A 90 -6.57 -14.86 -20.80
C VAL A 90 -6.14 -16.32 -20.89
N ASN A 91 -5.12 -16.58 -21.70
CA ASN A 91 -4.65 -17.93 -21.86
C ASN A 91 -3.31 -18.09 -21.15
N LEU A 92 -3.13 -19.22 -20.48
CA LEU A 92 -1.90 -19.50 -19.74
C LEU A 92 -1.31 -20.83 -20.16
N ALA A 93 -0.05 -20.82 -20.58
CA ALA A 93 0.64 -22.03 -21.00
C ALA A 93 1.89 -22.19 -20.15
N PHE A 94 2.10 -23.38 -19.59
CA PHE A 94 3.26 -23.63 -18.73
C PHE A 94 4.13 -24.74 -19.30
N ASP A 95 5.42 -24.73 -18.96
CA ASP A 95 6.33 -25.77 -19.43
C ASP A 95 6.27 -26.95 -18.44
N ASN A 96 7.16 -27.93 -18.60
CA ASN A 96 7.15 -29.10 -17.73
C ASN A 96 7.47 -28.84 -16.25
N THR A 97 7.85 -27.62 -15.91
CA THR A 97 8.13 -27.31 -14.50
C THR A 97 7.15 -26.29 -13.93
N GLY A 98 6.04 -26.07 -14.65
CA GLY A 98 5.04 -25.14 -14.17
C GLY A 98 5.38 -23.67 -14.34
N GLN A 99 6.38 -23.37 -15.16
CA GLN A 99 6.78 -21.98 -15.41
C GLN A 99 5.96 -21.47 -16.59
N ILE A 100 5.53 -20.22 -16.52
CA ILE A 100 4.76 -19.61 -17.61
C ILE A 100 5.61 -19.47 -18.87
N ILE A 101 5.02 -19.79 -20.02
CA ILE A 101 5.74 -19.64 -21.28
C ILE A 101 5.11 -18.37 -21.85
N THR A 102 5.79 -17.24 -21.64
CA THR A 102 5.28 -15.94 -22.06
C THR A 102 4.87 -15.72 -23.50
N TYR A 103 5.66 -16.15 -24.47
CA TYR A 103 5.28 -15.91 -25.85
C TYR A 103 4.02 -16.65 -26.26
N LEU A 104 3.57 -17.57 -25.43
CA LEU A 104 2.35 -18.33 -25.71
C LEU A 104 1.20 -17.88 -24.80
N SER A 105 1.53 -17.17 -23.74
CA SER A 105 0.52 -16.74 -22.77
C SER A 105 0.15 -15.26 -22.76
N SER A 106 -1.07 -14.97 -22.32
CA SER A 106 -1.53 -13.60 -22.23
C SER A 106 -0.73 -12.90 -21.13
N LEU A 107 -0.31 -13.66 -20.12
CA LEU A 107 0.48 -13.12 -19.00
C LEU A 107 1.94 -13.00 -19.43
N LYS A 108 2.52 -11.82 -19.30
CA LYS A 108 3.89 -11.59 -19.74
C LYS A 108 5.00 -11.62 -18.71
N SER A 109 4.65 -11.86 -17.45
CA SER A 109 5.68 -11.96 -16.42
C SER A 109 5.37 -13.26 -15.69
N ASN A 110 6.40 -14.06 -15.40
CA ASN A 110 6.19 -15.34 -14.73
C ASN A 110 5.67 -15.16 -13.30
N LEU A 111 4.90 -16.13 -12.85
CA LEU A 111 4.34 -16.13 -11.50
C LEU A 111 5.47 -16.50 -10.57
N ASN A 112 5.26 -16.36 -9.27
CA ASN A 112 6.27 -16.76 -8.31
C ASN A 112 5.64 -16.94 -6.94
N PHE A 113 6.43 -17.31 -5.95
CA PHE A 113 5.90 -17.56 -4.61
C PHE A 113 5.51 -16.30 -3.86
N LYS A 114 4.80 -16.50 -2.75
CA LYS A 114 4.37 -15.39 -1.95
C LYS A 114 5.47 -14.90 -1.03
N ASP A 115 5.74 -13.61 -1.11
CA ASP A 115 6.74 -12.95 -0.27
C ASP A 115 5.98 -11.71 0.21
N ASN A 116 5.17 -11.91 1.25
CA ASN A 116 4.35 -10.85 1.79
C ASN A 116 3.30 -10.49 0.75
N GLN A 117 3.27 -9.24 0.29
CA GLN A 117 2.29 -8.87 -0.72
C GLN A 117 2.86 -8.94 -2.13
N ASN A 118 4.12 -9.34 -2.26
CA ASN A 118 4.74 -9.41 -3.57
C ASN A 118 5.11 -10.82 -4.04
N MET A 119 5.67 -10.89 -5.25
CA MET A 119 6.13 -12.14 -5.82
C MET A 119 7.56 -12.30 -5.35
N ALA A 120 7.90 -13.47 -4.83
CA ALA A 120 9.26 -13.72 -4.37
C ALA A 120 10.23 -13.54 -5.55
N THR A 121 11.48 -13.21 -5.24
CA THR A 121 12.49 -12.99 -6.27
C THR A 121 13.46 -14.15 -6.35
N GLY A 122 13.82 -14.53 -7.57
CA GLY A 122 14.74 -15.63 -7.76
C GLY A 122 14.14 -16.71 -8.62
N THR A 123 14.97 -17.67 -9.02
CA THR A 123 14.51 -18.77 -9.87
C THR A 123 13.71 -19.81 -9.11
N ILE A 124 12.57 -20.18 -9.68
CA ILE A 124 11.72 -21.19 -9.07
C ILE A 124 12.13 -22.53 -9.64
N THR A 125 12.38 -23.49 -8.76
CA THR A 125 12.73 -24.82 -9.22
C THR A 125 11.46 -25.63 -9.13
N SER A 126 10.70 -25.61 -10.23
CA SER A 126 9.46 -26.33 -10.36
C SER A 126 8.28 -25.86 -9.50
N ALA A 127 7.19 -25.61 -10.19
CA ALA A 127 5.93 -25.19 -9.62
C ALA A 127 4.94 -26.21 -10.19
N LYS A 128 5.47 -27.38 -10.53
CA LYS A 128 4.68 -28.46 -11.12
C LYS A 128 3.48 -28.82 -10.25
N GLY A 129 3.70 -28.79 -8.95
CA GLY A 129 2.64 -29.11 -8.02
C GLY A 129 1.44 -28.17 -8.06
N PHE A 130 1.55 -27.06 -8.79
CA PHE A 130 0.46 -26.08 -8.89
C PHE A 130 -0.36 -26.25 -10.16
N MET A 131 0.12 -27.09 -11.07
CA MET A 131 -0.54 -27.32 -12.34
C MET A 131 -1.79 -28.17 -12.28
N PRO A 132 -2.69 -27.99 -13.27
CA PRO A 132 -3.91 -28.80 -13.28
C PRO A 132 -3.47 -30.22 -13.61
N SER A 133 -4.00 -31.22 -12.92
CA SER A 133 -3.65 -32.61 -13.15
C SER A 133 -3.93 -33.13 -14.57
N THR A 134 -2.94 -33.79 -15.20
CA THR A 134 -3.17 -34.35 -16.52
C THR A 134 -3.98 -35.67 -16.43
N THR A 135 -4.10 -36.23 -15.22
CA THR A 135 -4.89 -37.45 -15.05
C THR A 135 -6.36 -37.04 -15.01
N ALA A 136 -6.68 -36.01 -14.23
CA ALA A 136 -8.06 -35.55 -14.12
C ALA A 136 -8.50 -34.75 -15.34
N TYR A 137 -7.61 -33.89 -15.83
CA TYR A 137 -7.91 -33.05 -16.98
C TYR A 137 -6.88 -33.37 -18.07
N PRO A 138 -7.20 -34.32 -18.95
CA PRO A 138 -6.30 -34.74 -20.04
C PRO A 138 -6.25 -33.83 -21.23
N PHE A 139 -5.21 -33.99 -22.04
CA PHE A 139 -5.06 -33.23 -23.27
C PHE A 139 -5.76 -33.98 -24.40
N ILE A 140 -6.24 -33.24 -25.40
CA ILE A 140 -6.89 -33.85 -26.56
C ILE A 140 -5.90 -34.77 -27.26
N THR A 141 -6.31 -36.01 -27.51
CA THR A 141 -5.44 -36.98 -28.15
C THR A 141 -5.87 -37.36 -29.58
N TYR A 142 -7.15 -37.21 -29.88
CA TYR A 142 -7.63 -37.53 -31.22
C TYR A 142 -8.56 -36.46 -31.79
N ALA A 143 -8.67 -36.46 -33.11
CA ALA A 143 -9.46 -35.50 -33.88
C ALA A 143 -10.80 -35.01 -33.33
N THR A 144 -11.70 -35.93 -33.00
CA THR A 144 -13.01 -35.51 -32.52
C THR A 144 -13.25 -35.40 -31.00
N GLU A 145 -12.21 -35.66 -30.21
CA GLU A 145 -12.32 -35.61 -28.75
C GLU A 145 -12.83 -34.29 -28.15
N THR A 146 -13.90 -34.38 -27.35
CA THR A 146 -14.50 -33.20 -26.73
C THR A 146 -13.90 -32.84 -25.36
N LEU A 147 -13.63 -33.86 -24.54
CA LEU A 147 -13.05 -33.66 -23.21
C LEU A 147 -13.73 -32.57 -22.39
N ASN A 148 -15.03 -32.70 -22.19
CA ASN A 148 -15.77 -31.69 -21.43
C ASN A 148 -15.49 -31.66 -19.93
N GLU A 149 -14.72 -32.62 -19.42
CA GLU A 149 -14.36 -32.65 -17.98
C GLU A 149 -13.26 -31.63 -17.74
N ASP A 150 -12.76 -31.03 -18.82
CA ASP A 150 -11.68 -30.05 -18.70
C ASP A 150 -12.21 -28.64 -18.48
N TYR A 151 -13.51 -28.50 -18.27
CA TYR A 151 -14.10 -27.17 -18.08
C TYR A 151 -14.74 -26.88 -16.73
N ILE A 152 -14.54 -25.64 -16.27
CA ILE A 152 -15.15 -25.18 -15.04
C ILE A 152 -15.97 -23.96 -15.47
N TYR A 153 -17.24 -23.91 -15.08
CA TYR A 153 -18.08 -22.77 -15.41
C TYR A 153 -18.48 -22.09 -14.11
N GLY A 154 -18.66 -20.77 -14.16
CA GLY A 154 -19.04 -20.03 -12.97
C GLY A 154 -19.44 -18.62 -13.32
N GLU A 155 -19.30 -17.70 -12.37
CA GLU A 155 -19.70 -16.33 -12.63
C GLU A 155 -19.11 -15.27 -11.71
N CYS A 156 -18.91 -14.07 -12.27
CA CYS A 156 -18.42 -12.94 -11.49
C CYS A 156 -19.15 -11.70 -12.00
N TYR A 157 -18.70 -10.50 -11.63
CA TYR A 157 -19.42 -9.31 -12.06
C TYR A 157 -18.65 -8.06 -12.42
N TYR A 158 -19.33 -7.19 -13.15
CA TYR A 158 -18.78 -5.90 -13.52
C TYR A 158 -19.76 -4.86 -12.98
N LYS A 159 -19.26 -3.91 -12.21
CA LYS A 159 -20.09 -2.86 -11.64
C LYS A 159 -19.95 -1.61 -12.50
N SER A 160 -21.01 -1.21 -13.17
CA SER A 160 -20.95 -0.05 -14.05
C SER A 160 -20.95 1.28 -13.28
N THR A 161 -20.67 2.35 -14.01
CA THR A 161 -20.60 3.68 -13.42
C THR A 161 -21.86 4.07 -12.63
N ASN A 162 -23.04 3.70 -13.12
CA ASN A 162 -24.27 4.05 -12.40
C ASN A 162 -24.58 3.10 -11.26
N GLY A 163 -23.73 2.07 -11.09
CA GLY A 163 -23.94 1.13 -10.01
C GLY A 163 -24.62 -0.18 -10.33
N THR A 164 -24.93 -0.43 -11.59
CA THR A 164 -25.59 -1.68 -11.97
C THR A 164 -24.59 -2.83 -12.13
N LEU A 165 -25.01 -4.02 -11.71
CA LEU A 165 -24.17 -5.21 -11.79
C LEU A 165 -24.44 -6.05 -13.02
N PHE A 166 -23.44 -6.17 -13.88
CA PHE A 166 -23.59 -6.98 -15.07
C PHE A 166 -22.91 -8.32 -14.84
N PRO A 167 -23.65 -9.41 -14.98
CA PRO A 167 -23.10 -10.76 -14.78
C PRO A 167 -22.14 -11.16 -15.90
N LEU A 168 -21.01 -11.74 -15.51
CA LEU A 168 -20.01 -12.20 -16.47
C LEU A 168 -19.87 -13.71 -16.35
N LYS A 169 -20.15 -14.42 -17.44
CA LYS A 169 -20.03 -15.87 -17.46
C LYS A 169 -18.56 -16.21 -17.65
N VAL A 170 -18.04 -16.98 -16.70
CA VAL A 170 -16.65 -17.38 -16.69
C VAL A 170 -16.44 -18.83 -17.06
N THR A 171 -15.47 -19.10 -17.94
CA THR A 171 -15.17 -20.46 -18.35
C THR A 171 -13.69 -20.70 -18.13
N VAL A 172 -13.36 -21.76 -17.43
CA VAL A 172 -11.96 -22.07 -17.21
C VAL A 172 -11.68 -23.37 -17.95
N THR A 173 -10.61 -23.38 -18.74
CA THR A 173 -10.25 -24.59 -19.46
C THR A 173 -8.93 -25.08 -18.90
N LEU A 174 -8.88 -26.35 -18.51
CA LEU A 174 -7.64 -26.91 -17.96
C LEU A 174 -7.04 -27.93 -18.94
N ASN A 175 -5.76 -27.78 -19.25
CA ASN A 175 -5.04 -28.69 -20.14
C ASN A 175 -5.85 -29.29 -21.27
N ARG A 176 -6.48 -28.54 -22.15
CA ARG A 176 -7.19 -29.32 -23.16
C ARG A 176 -6.42 -29.38 -24.48
N ARG A 177 -5.69 -28.32 -24.78
CA ARG A 177 -4.90 -28.26 -25.99
C ARG A 177 -3.49 -27.78 -25.70
N MET A 178 -2.52 -28.38 -26.36
CA MET A 178 -1.14 -27.93 -26.22
C MET A 178 -0.95 -27.08 -27.47
N LEU A 179 -0.06 -26.09 -27.37
CA LEU A 179 0.16 -25.18 -28.48
C LEU A 179 1.56 -25.23 -29.09
N ALA A 180 2.52 -25.80 -28.37
CA ALA A 180 3.90 -25.93 -28.85
C ALA A 180 4.54 -27.13 -28.18
N SER A 181 5.71 -27.52 -28.66
CA SER A 181 6.37 -28.69 -28.10
C SER A 181 6.79 -28.59 -26.63
N GLY A 182 7.27 -27.43 -26.21
CA GLY A 182 7.70 -27.31 -24.82
C GLY A 182 6.61 -27.10 -23.78
N MET A 183 5.37 -27.11 -24.23
CA MET A 183 4.22 -26.88 -23.36
C MET A 183 3.77 -28.15 -22.65
N ALA A 184 3.53 -28.07 -21.34
CA ALA A 184 3.10 -29.22 -20.55
C ALA A 184 1.73 -29.02 -19.89
N TYR A 185 1.34 -27.77 -19.65
CA TYR A 185 0.05 -27.49 -19.02
C TYR A 185 -0.62 -26.26 -19.59
N ALA A 186 -1.94 -26.22 -19.46
CA ALA A 186 -2.69 -25.08 -19.95
C ALA A 186 -3.80 -24.72 -18.97
N MET A 187 -4.08 -23.42 -18.89
CA MET A 187 -5.13 -22.90 -18.01
C MET A 187 -5.70 -21.65 -18.69
N ASN A 188 -6.90 -21.75 -19.23
CA ASN A 188 -7.51 -20.60 -19.90
C ASN A 188 -8.75 -20.08 -19.22
N PHE A 189 -8.88 -18.76 -19.20
CA PHE A 189 -10.03 -18.12 -18.60
C PHE A 189 -10.65 -17.21 -19.63
N SER A 190 -11.98 -17.15 -19.62
CA SER A 190 -12.70 -16.26 -20.52
C SER A 190 -13.93 -15.74 -19.76
N TRP A 191 -14.17 -14.45 -19.89
CA TRP A 191 -15.31 -13.78 -19.24
C TRP A 191 -16.24 -13.38 -20.37
N SER A 192 -17.53 -13.63 -20.19
CA SER A 192 -18.47 -13.28 -21.24
C SER A 192 -19.57 -12.32 -20.81
N LEU A 193 -19.65 -11.20 -21.52
CA LEU A 193 -20.66 -10.18 -21.27
C LEU A 193 -21.67 -10.26 -22.40
N ASN A 194 -22.91 -10.61 -22.08
CA ASN A 194 -23.96 -10.70 -23.08
C ASN A 194 -25.24 -10.04 -22.53
N ALA A 195 -25.27 -8.72 -22.56
CA ALA A 195 -26.41 -7.99 -22.02
C ALA A 195 -27.26 -7.26 -23.05
N GLU A 196 -28.38 -6.72 -22.57
CA GLU A 196 -29.32 -5.97 -23.39
C GLU A 196 -28.61 -4.77 -24.02
N GLU A 197 -28.04 -3.93 -23.16
CA GLU A 197 -27.35 -2.75 -23.63
C GLU A 197 -26.00 -2.56 -22.95
N ALA A 198 -25.07 -1.93 -23.66
CA ALA A 198 -23.74 -1.69 -23.15
C ALA A 198 -23.76 -1.16 -21.73
N PRO A 199 -22.82 -1.63 -20.90
CA PRO A 199 -22.69 -1.22 -19.48
C PRO A 199 -22.24 0.23 -19.35
N GLU A 200 -21.30 0.64 -20.21
CA GLU A 200 -20.78 2.00 -20.17
C GLU A 200 -20.99 2.78 -21.47
N THR A 201 -20.55 4.04 -21.45
CA THR A 201 -20.65 4.96 -22.58
C THR A 201 -19.33 5.73 -22.64
N THR A 202 -18.63 5.73 -21.51
CA THR A 202 -17.37 6.44 -21.38
C THR A 202 -16.27 5.42 -21.16
N GLU A 203 -15.02 5.87 -21.22
CA GLU A 203 -13.90 4.98 -20.96
C GLU A 203 -13.87 4.82 -19.44
N VAL A 204 -14.17 3.63 -18.95
CA VAL A 204 -14.18 3.35 -17.52
C VAL A 204 -13.30 2.13 -17.25
N THR A 205 -12.52 2.17 -16.16
CA THR A 205 -11.65 1.05 -15.83
C THR A 205 -12.40 -0.29 -15.72
N LEU A 206 -11.98 -1.25 -16.53
CA LEU A 206 -12.58 -2.57 -16.56
C LEU A 206 -12.15 -3.39 -15.34
N ILE A 207 -13.13 -3.75 -14.50
CA ILE A 207 -12.87 -4.51 -13.29
C ILE A 207 -13.79 -5.72 -13.21
N THR A 208 -13.21 -6.92 -13.20
CA THR A 208 -14.03 -8.14 -13.06
C THR A 208 -13.92 -8.46 -11.57
N SER A 209 -15.05 -8.74 -10.93
CA SER A 209 -14.98 -9.04 -9.51
C SER A 209 -14.37 -10.44 -9.34
N PRO A 210 -13.83 -10.71 -8.15
CA PRO A 210 -13.19 -11.98 -7.78
C PRO A 210 -13.91 -13.25 -8.21
N PHE A 211 -13.21 -14.10 -8.95
CA PHE A 211 -13.78 -15.39 -9.34
C PHE A 211 -13.06 -16.48 -8.55
N PHE A 212 -13.81 -17.38 -7.92
CA PHE A 212 -13.21 -18.47 -7.12
C PHE A 212 -13.42 -19.82 -7.80
N PHE A 213 -12.43 -20.71 -7.65
CA PHE A 213 -12.53 -22.03 -8.27
C PHE A 213 -11.48 -22.96 -7.70
N SER A 214 -11.65 -24.26 -7.94
CA SER A 214 -10.69 -25.27 -7.47
C SER A 214 -10.51 -26.36 -8.54
N TYR A 215 -9.39 -27.06 -8.51
CA TYR A 215 -9.13 -28.12 -9.46
C TYR A 215 -8.16 -29.15 -8.89
N ILE A 216 -8.25 -30.41 -9.36
CA ILE A 216 -7.36 -31.47 -8.89
C ILE A 216 -5.95 -31.11 -9.38
N ARG A 217 -4.97 -31.16 -8.50
CA ARG A 217 -3.63 -30.76 -8.89
C ARG A 217 -2.67 -31.87 -9.30
N GLU A 218 -1.70 -31.50 -10.13
CA GLU A 218 -0.69 -32.44 -10.58
C GLU A 218 0.25 -32.71 -9.40
N ASP A 219 0.91 -33.86 -9.40
CA ASP A 219 1.84 -34.19 -8.32
C ASP A 219 3.09 -33.32 -8.47
N ASP A 220 3.86 -33.18 -7.39
CA ASP A 220 5.05 -32.37 -7.44
C ASP A 220 6.19 -33.09 -8.15
N ILE B 25 -6.16 -26.62 20.07
CA ILE B 25 -6.48 -25.28 19.49
C ILE B 25 -5.81 -25.07 18.13
N GLU B 26 -6.59 -24.59 17.16
CA GLU B 26 -6.08 -24.34 15.81
C GLU B 26 -6.18 -22.84 15.49
N ASN B 27 -5.03 -22.17 15.47
CA ASN B 27 -4.97 -20.73 15.21
C ASN B 27 -4.90 -20.35 13.74
N ASN B 28 -5.11 -21.31 12.84
CA ASN B 28 -5.09 -21.03 11.41
C ASN B 28 -6.54 -20.75 11.03
N THR B 29 -7.40 -20.82 12.04
CA THR B 29 -8.84 -20.60 11.88
C THR B 29 -9.33 -19.55 12.87
N LEU B 30 -10.08 -18.56 12.37
CA LEU B 30 -10.61 -17.48 13.19
C LEU B 30 -12.13 -17.54 12.98
N TRP B 31 -12.90 -17.75 14.06
CA TRP B 31 -14.34 -17.85 13.89
C TRP B 31 -15.19 -17.43 15.08
N THR B 32 -16.50 -17.58 14.89
CA THR B 32 -17.50 -17.28 15.89
C THR B 32 -17.81 -18.57 16.63
N GLY B 33 -17.24 -19.67 16.14
CA GLY B 33 -17.50 -20.98 16.72
C GLY B 33 -18.68 -21.54 15.95
N ALA B 34 -18.84 -22.87 15.90
CA ALA B 34 -19.96 -23.45 15.17
C ALA B 34 -21.24 -23.24 15.96
N LYS B 35 -22.37 -23.15 15.27
CA LYS B 35 -23.65 -22.92 15.96
C LYS B 35 -23.51 -22.07 17.21
N PRO B 36 -23.18 -20.78 17.04
CA PRO B 36 -23.02 -19.88 18.18
C PRO B 36 -24.37 -19.34 18.67
N SER B 37 -24.35 -18.76 19.87
CA SER B 37 -25.53 -18.16 20.48
C SER B 37 -25.73 -16.79 19.83
N ALA B 38 -26.91 -16.20 19.98
CA ALA B 38 -27.16 -14.87 19.40
C ALA B 38 -25.92 -14.01 19.69
N ASN B 39 -25.32 -13.46 18.64
CA ASN B 39 -24.11 -12.67 18.81
C ASN B 39 -24.03 -11.50 17.84
N CYS B 40 -25.07 -11.35 17.04
CA CYS B 40 -25.08 -10.31 16.02
C CYS B 40 -26.35 -9.45 16.01
N VAL B 41 -26.18 -8.18 15.62
CA VAL B 41 -27.29 -7.24 15.58
C VAL B 41 -27.60 -6.79 14.16
N ILE B 42 -28.77 -7.16 13.65
CA ILE B 42 -29.19 -6.79 12.30
C ILE B 42 -30.16 -5.61 12.27
N LYS B 43 -30.63 -5.18 13.45
CA LYS B 43 -31.57 -4.07 13.54
C LYS B 43 -30.90 -2.71 13.73
N GLU B 44 -31.45 -1.70 13.06
CA GLU B 44 -30.94 -0.32 13.12
C GLU B 44 -30.92 0.27 14.53
N GLY B 45 -29.75 0.70 14.97
CA GLY B 45 -29.62 1.32 16.28
C GLY B 45 -29.66 0.42 17.50
N GLU B 46 -29.88 -0.88 17.30
CA GLU B 46 -29.93 -1.82 18.43
C GLU B 46 -28.57 -2.19 18.99
N ASP B 47 -28.56 -2.76 20.19
CA ASP B 47 -27.31 -3.18 20.82
C ASP B 47 -27.45 -4.61 21.33
N SER B 48 -28.69 -5.10 21.39
CA SER B 48 -28.96 -6.44 21.87
C SER B 48 -29.01 -7.46 20.74
N PRO B 49 -28.05 -8.40 20.70
CA PRO B 49 -27.98 -9.44 19.67
C PRO B 49 -29.33 -10.06 19.31
N ASP B 50 -29.76 -9.86 18.08
CA ASP B 50 -31.04 -10.38 17.61
C ASP B 50 -30.90 -11.43 16.49
N CYS B 51 -29.74 -12.10 16.44
CA CYS B 51 -29.50 -13.14 15.44
C CYS B 51 -28.16 -13.85 15.66
N LYS B 52 -28.01 -15.01 15.05
CA LYS B 52 -26.79 -15.81 15.18
C LYS B 52 -25.97 -15.77 13.89
N LEU B 53 -24.75 -15.26 14.02
CA LEU B 53 -23.85 -15.11 12.90
C LEU B 53 -22.72 -16.12 12.93
N THR B 54 -22.71 -17.01 11.94
CA THR B 54 -21.67 -18.02 11.84
C THR B 54 -20.68 -17.55 10.77
N LEU B 55 -19.46 -17.28 11.18
CA LEU B 55 -18.42 -16.80 10.27
C LEU B 55 -17.12 -17.50 10.55
N VAL B 56 -16.56 -18.17 9.54
CA VAL B 56 -15.28 -18.87 9.70
C VAL B 56 -14.24 -18.35 8.71
N LEU B 57 -13.05 -18.04 9.20
CA LEU B 57 -12.00 -17.53 8.32
C LEU B 57 -10.76 -18.38 8.50
N VAL B 58 -10.32 -19.02 7.42
CA VAL B 58 -9.15 -19.88 7.51
C VAL B 58 -7.98 -19.40 6.64
N LYS B 59 -6.79 -19.39 7.21
CA LYS B 59 -5.59 -18.99 6.47
C LYS B 59 -5.21 -20.14 5.55
N ASN B 60 -5.19 -19.86 4.25
CA ASN B 60 -4.86 -20.87 3.24
C ASN B 60 -3.90 -20.22 2.26
N GLY B 61 -2.62 -20.21 2.64
CA GLY B 61 -1.59 -19.60 1.82
C GLY B 61 -1.79 -18.09 1.80
N GLY B 62 -1.69 -17.47 0.63
CA GLY B 62 -1.89 -16.03 0.54
C GLY B 62 -3.36 -15.63 0.60
N LEU B 63 -4.23 -16.62 0.69
CA LEU B 63 -5.67 -16.35 0.75
C LEU B 63 -6.27 -16.69 2.09
N ILE B 64 -7.52 -16.28 2.25
CA ILE B 64 -8.30 -16.57 3.42
C ILE B 64 -9.53 -17.24 2.83
N ASN B 65 -9.87 -18.43 3.28
CA ASN B 65 -11.07 -19.11 2.79
C ASN B 65 -12.17 -18.79 3.77
N GLY B 66 -13.27 -18.24 3.26
CA GLY B 66 -14.34 -17.86 4.13
C GLY B 66 -15.65 -18.61 3.96
N TYR B 67 -16.39 -18.66 5.06
CA TYR B 67 -17.69 -19.32 5.15
C TYR B 67 -18.55 -18.40 6.03
N ILE B 68 -19.78 -18.12 5.59
CA ILE B 68 -20.66 -17.28 6.37
C ILE B 68 -22.14 -17.66 6.26
N THR B 69 -22.83 -17.65 7.40
CA THR B 69 -24.25 -17.98 7.42
C THR B 69 -24.95 -17.22 8.54
N LEU B 70 -26.25 -16.98 8.35
CA LEU B 70 -27.06 -16.25 9.33
C LEU B 70 -28.31 -16.99 9.77
N MET B 71 -28.64 -16.85 11.05
CA MET B 71 -29.84 -17.47 11.59
C MET B 71 -30.58 -16.49 12.50
N GLY B 72 -31.87 -16.29 12.23
CA GLY B 72 -32.66 -15.38 13.03
C GLY B 72 -32.82 -15.83 14.47
N ALA B 73 -32.80 -14.87 15.40
CA ALA B 73 -32.93 -15.15 16.83
C ALA B 73 -33.77 -14.07 17.52
N SER B 74 -34.79 -13.57 16.82
CA SER B 74 -35.68 -12.54 17.33
C SER B 74 -36.87 -12.37 16.37
N GLU B 75 -37.98 -11.83 16.88
CA GLU B 75 -39.15 -11.64 16.03
C GLU B 75 -38.87 -10.70 14.87
N TYR B 76 -38.01 -9.72 15.11
CA TYR B 76 -37.65 -8.75 14.09
C TYR B 76 -37.05 -9.42 12.86
N THR B 77 -35.93 -10.10 13.06
CA THR B 77 -35.24 -10.80 11.97
C THR B 77 -36.09 -11.89 11.33
N ASN B 78 -36.88 -12.59 12.14
CA ASN B 78 -37.72 -13.68 11.63
C ASN B 78 -39.03 -13.21 11.00
N THR B 79 -39.16 -11.91 10.79
CA THR B 79 -40.35 -11.33 10.20
C THR B 79 -40.03 -10.64 8.88
N LEU B 80 -38.77 -10.24 8.76
CA LEU B 80 -38.29 -9.55 7.56
C LEU B 80 -38.80 -10.10 6.23
N PHE B 81 -38.66 -11.40 6.01
CA PHE B 81 -39.07 -11.98 4.75
C PHE B 81 -40.57 -12.06 4.49
N LYS B 82 -41.33 -11.21 5.15
CA LYS B 82 -42.76 -11.17 4.92
C LYS B 82 -42.96 -10.06 3.88
N ASN B 83 -41.83 -9.56 3.39
CA ASN B 83 -41.79 -8.52 2.36
C ASN B 83 -41.08 -9.09 1.16
N ASN B 84 -41.30 -8.51 -0.01
CA ASN B 84 -40.66 -8.99 -1.23
C ASN B 84 -39.27 -8.40 -1.49
N GLN B 85 -38.93 -7.33 -0.76
CA GLN B 85 -37.64 -6.70 -0.94
C GLN B 85 -36.96 -6.42 0.39
N VAL B 86 -35.85 -7.11 0.64
CA VAL B 86 -35.13 -6.95 1.90
C VAL B 86 -33.62 -6.94 1.72
N THR B 87 -32.94 -6.16 2.57
CA THR B 87 -31.49 -6.07 2.56
C THR B 87 -30.98 -6.14 3.99
N ILE B 88 -30.24 -7.20 4.30
CA ILE B 88 -29.68 -7.40 5.63
C ILE B 88 -28.21 -6.99 5.59
N ASP B 89 -27.76 -6.21 6.57
CA ASP B 89 -26.38 -5.77 6.60
C ASP B 89 -25.65 -6.18 7.86
N VAL B 90 -24.44 -6.67 7.69
CA VAL B 90 -23.61 -7.07 8.81
C VAL B 90 -22.28 -6.37 8.58
N ASN B 91 -22.00 -5.36 9.38
CA ASN B 91 -20.76 -4.61 9.22
C ASN B 91 -19.71 -5.04 10.24
N LEU B 92 -18.48 -5.18 9.78
CA LEU B 92 -17.39 -5.59 10.66
C LEU B 92 -16.19 -4.65 10.54
N ALA B 93 -15.81 -4.04 11.65
CA ALA B 93 -14.66 -3.14 11.69
C ALA B 93 -13.65 -3.77 12.63
N PHE B 94 -12.36 -3.64 12.31
CA PHE B 94 -11.33 -4.24 13.15
C PHE B 94 -10.21 -3.23 13.44
N ASP B 95 -9.44 -3.48 14.49
CA ASP B 95 -8.32 -2.61 14.86
C ASP B 95 -7.07 -3.13 14.17
N ASN B 96 -5.92 -2.52 14.46
CA ASN B 96 -4.69 -2.95 13.80
C ASN B 96 -4.17 -4.36 14.17
N THR B 97 -4.88 -5.08 15.01
CA THR B 97 -4.44 -6.45 15.34
C THR B 97 -5.52 -7.45 15.00
N GLY B 98 -6.45 -7.06 14.15
CA GLY B 98 -7.52 -7.96 13.74
C GLY B 98 -8.68 -8.11 14.71
N GLN B 99 -8.62 -7.44 15.86
CA GLN B 99 -9.70 -7.55 16.83
C GLN B 99 -10.93 -6.77 16.38
N ILE B 100 -12.11 -7.30 16.68
CA ILE B 100 -13.34 -6.62 16.33
C ILE B 100 -13.48 -5.36 17.18
N ILE B 101 -14.13 -4.35 16.62
CA ILE B 101 -14.39 -3.10 17.32
C ILE B 101 -15.91 -3.14 17.44
N THR B 102 -16.37 -3.74 18.53
CA THR B 102 -17.80 -3.95 18.79
C THR B 102 -18.75 -2.77 18.66
N TYR B 103 -18.35 -1.60 19.16
CA TYR B 103 -19.25 -0.45 19.08
C TYR B 103 -19.44 -0.04 17.62
N LEU B 104 -18.49 -0.45 16.78
CA LEU B 104 -18.50 -0.13 15.36
C LEU B 104 -19.05 -1.25 14.49
N SER B 105 -19.06 -2.48 15.01
CA SER B 105 -19.52 -3.64 14.26
C SER B 105 -20.90 -4.19 14.62
N SER B 106 -21.37 -5.15 13.84
CA SER B 106 -22.65 -5.80 14.08
C SER B 106 -22.43 -7.02 14.99
N LEU B 107 -21.20 -7.53 14.96
CA LEU B 107 -20.82 -8.67 15.78
C LEU B 107 -20.39 -8.09 17.13
N LYS B 108 -21.17 -8.39 18.18
CA LYS B 108 -20.86 -7.86 19.50
C LYS B 108 -19.95 -8.70 20.38
N SER B 109 -19.44 -9.80 19.82
CA SER B 109 -18.54 -10.68 20.56
C SER B 109 -17.34 -10.96 19.66
N ASN B 110 -16.14 -10.73 20.16
CA ASN B 110 -14.96 -10.94 19.34
C ASN B 110 -14.88 -12.39 18.83
N LEU B 111 -14.06 -12.58 17.80
CA LEU B 111 -13.85 -13.89 17.20
C LEU B 111 -12.64 -14.42 17.93
N ASN B 112 -12.39 -15.72 17.77
CA ASN B 112 -11.23 -16.32 18.40
C ASN B 112 -10.84 -17.58 17.65
N PHE B 113 -9.69 -18.13 18.00
CA PHE B 113 -9.20 -19.33 17.35
C PHE B 113 -10.11 -20.53 17.55
N LYS B 114 -9.83 -21.59 16.79
CA LYS B 114 -10.63 -22.81 16.86
C LYS B 114 -10.21 -23.69 18.05
N ASP B 115 -11.21 -24.10 18.82
CA ASP B 115 -10.99 -24.99 19.95
C ASP B 115 -12.13 -25.98 19.79
N ASN B 116 -11.87 -27.05 19.04
CA ASN B 116 -12.89 -28.04 18.73
C ASN B 116 -14.04 -27.33 18.02
N GLN B 117 -15.24 -27.36 18.59
CA GLN B 117 -16.38 -26.70 17.97
C GLN B 117 -16.64 -25.33 18.60
N ASN B 118 -15.71 -24.89 19.46
CA ASN B 118 -15.88 -23.61 20.14
C ASN B 118 -14.79 -22.57 19.87
N MET B 119 -15.00 -21.37 20.39
CA MET B 119 -14.04 -20.29 20.27
C MET B 119 -13.04 -20.46 21.40
N ALA B 120 -11.74 -20.46 21.08
CA ALA B 120 -10.72 -20.59 22.11
C ALA B 120 -10.83 -19.46 23.14
N THR B 121 -10.38 -19.71 24.36
CA THR B 121 -10.44 -18.71 25.41
C THR B 121 -9.08 -18.04 25.54
N GLY B 122 -9.09 -16.76 25.88
CA GLY B 122 -7.85 -16.02 26.03
C GLY B 122 -7.86 -14.82 25.11
N THR B 123 -6.77 -14.08 25.08
CA THR B 123 -6.68 -12.90 24.22
C THR B 123 -5.82 -13.14 23.00
N ILE B 124 -6.40 -12.88 21.83
CA ILE B 124 -5.70 -13.07 20.57
C ILE B 124 -4.67 -11.98 20.41
N THR B 125 -3.39 -12.33 20.50
CA THR B 125 -2.34 -11.35 20.33
C THR B 125 -2.06 -11.20 18.83
N SER B 126 -2.99 -10.54 18.14
CA SER B 126 -2.90 -10.28 16.71
C SER B 126 -3.59 -11.33 15.83
N ALA B 127 -4.52 -10.83 15.02
CA ALA B 127 -5.30 -11.61 14.08
C ALA B 127 -5.17 -10.84 12.76
N LYS B 128 -4.12 -10.04 12.68
CA LYS B 128 -3.84 -9.23 11.51
C LYS B 128 -3.70 -10.12 10.27
N GLY B 129 -3.10 -11.29 10.46
CA GLY B 129 -2.89 -12.24 9.38
C GLY B 129 -4.15 -12.80 8.74
N PHE B 130 -5.32 -12.54 9.36
CA PHE B 130 -6.62 -12.98 8.84
C PHE B 130 -7.37 -11.81 8.20
N MET B 131 -6.78 -10.62 8.24
CA MET B 131 -7.44 -9.42 7.70
C MET B 131 -7.33 -9.23 6.17
N PRO B 132 -8.31 -8.51 5.59
CA PRO B 132 -8.31 -8.22 4.15
C PRO B 132 -7.08 -7.38 3.86
N SER B 133 -6.31 -7.76 2.85
CA SER B 133 -5.09 -7.01 2.51
C SER B 133 -5.38 -5.57 2.10
N THR B 134 -4.66 -4.62 2.71
CA THR B 134 -4.84 -3.20 2.39
C THR B 134 -4.20 -2.89 1.03
N THR B 135 -3.28 -3.74 0.60
CA THR B 135 -2.62 -3.58 -0.69
C THR B 135 -3.58 -3.98 -1.81
N ALA B 136 -4.27 -5.11 -1.64
CA ALA B 136 -5.21 -5.59 -2.65
C ALA B 136 -6.54 -4.86 -2.62
N TYR B 137 -6.97 -4.52 -1.41
CA TYR B 137 -8.23 -3.79 -1.24
C TYR B 137 -7.90 -2.57 -0.37
N PRO B 138 -7.56 -1.44 -1.02
CA PRO B 138 -7.21 -0.17 -0.38
C PRO B 138 -8.38 0.60 0.20
N PHE B 139 -8.07 1.58 1.06
CA PHE B 139 -9.11 2.43 1.63
C PHE B 139 -9.20 3.69 0.78
N ILE B 140 -10.38 4.30 0.77
CA ILE B 140 -10.63 5.54 0.05
C ILE B 140 -9.66 6.64 0.53
N THR B 141 -9.06 7.34 -0.41
CA THR B 141 -8.13 8.41 -0.08
C THR B 141 -8.75 9.80 -0.36
N TYR B 142 -9.95 9.81 -0.93
CA TYR B 142 -10.64 11.07 -1.19
C TYR B 142 -12.15 10.92 -1.42
N ALA B 143 -12.79 12.00 -1.83
CA ALA B 143 -14.24 12.06 -2.08
C ALA B 143 -14.82 11.04 -3.05
N THR B 144 -14.77 11.40 -4.33
CA THR B 144 -15.29 10.61 -5.43
C THR B 144 -14.52 9.35 -5.82
N GLU B 145 -13.82 8.74 -4.87
CA GLU B 145 -13.05 7.54 -5.20
C GLU B 145 -13.93 6.30 -5.11
N THR B 146 -13.97 5.51 -6.17
CA THR B 146 -14.81 4.33 -6.21
C THR B 146 -14.23 3.04 -5.61
N LEU B 147 -13.04 2.64 -6.06
CA LEU B 147 -12.37 1.43 -5.57
C LEU B 147 -13.25 0.19 -5.73
N ASN B 148 -13.66 -0.08 -6.97
CA ASN B 148 -14.52 -1.22 -7.23
C ASN B 148 -13.88 -2.59 -7.03
N GLU B 149 -12.56 -2.64 -6.85
CA GLU B 149 -11.88 -3.91 -6.60
C GLU B 149 -12.14 -4.33 -5.17
N ASP B 150 -12.79 -3.48 -4.38
CA ASP B 150 -13.06 -3.80 -2.98
C ASP B 150 -14.31 -4.64 -2.75
N TYR B 151 -14.98 -5.02 -3.85
CA TYR B 151 -16.18 -5.81 -3.75
C TYR B 151 -16.10 -7.24 -4.26
N ILE B 152 -16.92 -8.10 -3.65
CA ILE B 152 -17.02 -9.48 -4.03
C ILE B 152 -18.52 -9.68 -4.15
N TYR B 153 -18.98 -10.27 -5.26
CA TYR B 153 -20.40 -10.52 -5.44
C TYR B 153 -20.61 -12.03 -5.60
N GLY B 154 -21.77 -12.49 -5.16
CA GLY B 154 -22.05 -13.91 -5.25
C GLY B 154 -23.48 -14.18 -4.86
N GLU B 155 -23.74 -15.37 -4.32
CA GLU B 155 -25.11 -15.70 -3.99
C GLU B 155 -25.29 -16.87 -3.03
N CYS B 156 -26.37 -16.82 -2.26
CA CYS B 156 -26.74 -17.89 -1.34
C CYS B 156 -28.27 -18.00 -1.41
N TYR B 157 -28.88 -18.87 -0.62
CA TYR B 157 -30.32 -19.02 -0.72
C TYR B 157 -31.11 -19.17 0.57
N TYR B 158 -32.41 -18.91 0.46
CA TYR B 158 -33.35 -19.01 1.58
C TYR B 158 -34.46 -20.01 1.22
N LYS B 159 -34.62 -21.03 2.07
CA LYS B 159 -35.65 -22.05 1.86
C LYS B 159 -36.88 -21.63 2.66
N SER B 160 -37.95 -21.30 1.97
CA SER B 160 -39.18 -20.87 2.62
C SER B 160 -39.95 -22.03 3.23
N THR B 161 -41.13 -21.73 3.76
CA THR B 161 -41.98 -22.73 4.38
C THR B 161 -42.51 -23.75 3.38
N ASN B 162 -42.93 -23.27 2.21
CA ASN B 162 -43.45 -24.18 1.19
C ASN B 162 -42.33 -24.90 0.44
N GLY B 163 -41.11 -24.73 0.92
CA GLY B 163 -39.97 -25.39 0.31
C GLY B 163 -39.30 -24.71 -0.87
N THR B 164 -39.86 -23.60 -1.34
CA THR B 164 -39.27 -22.90 -2.47
C THR B 164 -37.99 -22.19 -2.06
N LEU B 165 -37.08 -22.02 -3.01
CA LEU B 165 -35.80 -21.35 -2.76
C LEU B 165 -35.80 -19.95 -3.33
N PHE B 166 -35.30 -19.01 -2.54
CA PHE B 166 -35.22 -17.62 -2.98
C PHE B 166 -33.75 -17.21 -3.02
N PRO B 167 -33.27 -16.79 -4.20
CA PRO B 167 -31.88 -16.36 -4.32
C PRO B 167 -31.61 -15.04 -3.60
N LEU B 168 -30.52 -15.01 -2.85
CA LEU B 168 -30.11 -13.83 -2.10
C LEU B 168 -28.77 -13.33 -2.66
N LYS B 169 -28.77 -12.13 -3.23
CA LYS B 169 -27.54 -11.57 -3.77
C LYS B 169 -26.66 -11.09 -2.63
N VAL B 170 -25.47 -11.64 -2.54
CA VAL B 170 -24.53 -11.31 -1.48
C VAL B 170 -23.46 -10.36 -1.98
N THR B 171 -23.11 -9.38 -1.15
CA THR B 171 -22.07 -8.43 -1.51
C THR B 171 -21.11 -8.27 -0.33
N VAL B 172 -19.83 -8.47 -0.58
CA VAL B 172 -18.84 -8.33 0.48
C VAL B 172 -17.98 -7.10 0.19
N THR B 173 -17.87 -6.18 1.13
CA THR B 173 -17.02 -5.00 0.93
C THR B 173 -15.78 -5.20 1.78
N LEU B 174 -14.61 -5.12 1.15
CA LEU B 174 -13.38 -5.29 1.90
C LEU B 174 -12.71 -3.94 2.09
N ASN B 175 -12.47 -3.59 3.36
CA ASN B 175 -11.86 -2.32 3.75
C ASN B 175 -12.61 -1.19 3.06
N ARG B 176 -11.88 -0.38 2.29
CA ARG B 176 -12.48 0.71 1.54
C ARG B 176 -12.85 1.98 2.31
N ARG B 177 -13.81 1.89 3.22
CA ARG B 177 -14.23 3.05 4.00
C ARG B 177 -13.75 2.98 5.45
N MET B 178 -13.07 4.03 5.90
CA MET B 178 -12.60 4.09 7.27
C MET B 178 -13.67 4.88 8.03
N LEU B 179 -13.98 4.49 9.26
CA LEU B 179 -15.02 5.16 10.03
C LEU B 179 -14.57 5.89 11.28
N ALA B 180 -13.47 5.44 11.88
CA ALA B 180 -12.93 6.06 13.08
C ALA B 180 -11.42 5.85 13.11
N SER B 181 -10.72 6.63 13.95
CA SER B 181 -9.27 6.56 14.05
C SER B 181 -8.65 5.22 14.41
N GLY B 182 -9.34 4.43 15.24
CA GLY B 182 -8.78 3.14 15.63
C GLY B 182 -9.05 2.00 14.67
N MET B 183 -9.70 2.30 13.55
CA MET B 183 -10.04 1.29 12.55
C MET B 183 -8.90 1.04 11.57
N ALA B 184 -8.69 -0.22 11.21
CA ALA B 184 -7.63 -0.59 10.28
C ALA B 184 -8.16 -1.47 9.15
N TYR B 185 -9.29 -2.13 9.38
CA TYR B 185 -9.90 -3.01 8.36
C TYR B 185 -11.39 -3.03 8.46
N ALA B 186 -12.04 -3.45 7.38
CA ALA B 186 -13.49 -3.57 7.32
C ALA B 186 -13.84 -4.80 6.50
N MET B 187 -14.98 -5.39 6.79
CA MET B 187 -15.43 -6.57 6.07
C MET B 187 -16.94 -6.60 6.25
N ASN B 188 -17.64 -5.91 5.36
CA ASN B 188 -19.09 -5.85 5.45
C ASN B 188 -19.79 -6.83 4.52
N PHE B 189 -20.90 -7.38 5.00
CA PHE B 189 -21.70 -8.33 4.25
C PHE B 189 -23.09 -7.80 4.13
N SER B 190 -23.72 -8.08 3.00
CA SER B 190 -25.07 -7.63 2.75
C SER B 190 -25.81 -8.67 1.91
N TRP B 191 -26.93 -9.15 2.43
CA TRP B 191 -27.77 -10.12 1.71
C TRP B 191 -28.91 -9.31 1.14
N SER B 192 -29.26 -9.60 -0.12
CA SER B 192 -30.33 -8.88 -0.77
C SER B 192 -31.37 -9.78 -1.42
N LEU B 193 -32.62 -9.61 -1.00
CA LEU B 193 -33.74 -10.37 -1.53
C LEU B 193 -34.63 -9.46 -2.35
N ASN B 194 -34.98 -9.91 -3.54
CA ASN B 194 -35.84 -9.13 -4.41
C ASN B 194 -36.62 -10.11 -5.27
N ALA B 195 -37.69 -10.65 -4.71
CA ALA B 195 -38.51 -11.62 -5.42
C ALA B 195 -39.89 -11.07 -5.77
N GLU B 196 -40.63 -11.86 -6.55
CA GLU B 196 -41.99 -11.51 -6.96
C GLU B 196 -42.78 -11.12 -5.72
N GLU B 197 -43.01 -12.10 -4.85
CA GLU B 197 -43.76 -11.88 -3.64
C GLU B 197 -43.04 -12.46 -2.42
N ALA B 198 -43.35 -11.91 -1.25
CA ALA B 198 -42.75 -12.32 0.02
C ALA B 198 -42.59 -13.83 0.15
N PRO B 199 -41.48 -14.27 0.75
CA PRO B 199 -41.22 -15.70 0.94
C PRO B 199 -42.09 -16.33 2.05
N GLU B 200 -42.53 -15.50 2.98
CA GLU B 200 -43.34 -16.00 4.09
C GLU B 200 -44.51 -15.09 4.48
N THR B 201 -45.29 -15.56 5.45
CA THR B 201 -46.45 -14.86 5.96
C THR B 201 -46.40 -14.92 7.49
N THR B 202 -45.73 -15.94 8.00
CA THR B 202 -45.59 -16.15 9.44
C THR B 202 -44.17 -15.86 9.88
N GLU B 203 -43.97 -15.75 11.19
CA GLU B 203 -42.64 -15.53 11.73
C GLU B 203 -41.89 -16.85 11.65
N VAL B 204 -40.93 -16.92 10.73
CA VAL B 204 -40.14 -18.12 10.52
C VAL B 204 -38.65 -17.81 10.73
N THR B 205 -37.91 -18.79 11.23
CA THR B 205 -36.48 -18.62 11.47
C THR B 205 -35.75 -18.19 10.20
N LEU B 206 -35.00 -17.11 10.29
CA LEU B 206 -34.24 -16.60 9.16
C LEU B 206 -32.98 -17.44 9.01
N ILE B 207 -32.83 -18.09 7.86
CA ILE B 207 -31.66 -18.92 7.62
C ILE B 207 -31.11 -18.77 6.20
N THR B 208 -29.91 -18.18 6.10
CA THR B 208 -29.25 -17.98 4.82
C THR B 208 -28.32 -19.17 4.60
N SER B 209 -28.37 -19.77 3.41
CA SER B 209 -27.49 -20.91 3.13
C SER B 209 -26.04 -20.42 3.07
N PRO B 210 -25.10 -21.30 3.37
CA PRO B 210 -23.67 -20.96 3.36
C PRO B 210 -23.18 -20.21 2.12
N PHE B 211 -22.48 -19.11 2.36
CA PHE B 211 -21.90 -18.32 1.28
C PHE B 211 -20.37 -18.49 1.37
N PHE B 212 -19.77 -18.96 0.28
CA PHE B 212 -18.32 -19.18 0.24
C PHE B 212 -17.60 -18.04 -0.47
N PHE B 213 -16.38 -17.73 -0.01
CA PHE B 213 -15.61 -16.65 -0.63
C PHE B 213 -14.14 -16.68 -0.20
N SER B 214 -13.29 -16.01 -0.97
CA SER B 214 -11.86 -15.93 -0.67
C SER B 214 -11.42 -14.50 -0.95
N TYR B 215 -10.33 -14.08 -0.31
CA TYR B 215 -9.75 -12.76 -0.51
C TYR B 215 -8.27 -12.82 -0.20
N ILE B 216 -7.50 -11.88 -0.76
CA ILE B 216 -6.06 -11.82 -0.54
C ILE B 216 -5.90 -11.37 0.90
N ARG B 217 -5.02 -12.00 1.65
CA ARG B 217 -4.88 -11.63 3.04
C ARG B 217 -3.71 -10.74 3.41
N GLU B 218 -3.93 -10.00 4.48
CA GLU B 218 -2.96 -9.09 5.07
C GLU B 218 -1.84 -9.95 5.68
N ASP B 219 -0.61 -9.46 5.64
CA ASP B 219 0.51 -10.21 6.21
C ASP B 219 0.42 -10.26 7.73
N ASP B 220 0.82 -11.39 8.30
CA ASP B 220 0.77 -11.61 9.75
C ASP B 220 1.27 -10.43 10.59
N ILE C 25 2.39 -39.84 0.47
CA ILE C 25 0.97 -39.83 0.93
C ILE C 25 0.61 -38.55 1.68
N GLU C 26 -0.60 -38.05 1.44
CA GLU C 26 -1.10 -36.81 2.07
C GLU C 26 -2.45 -37.08 2.75
N ASN C 27 -2.41 -37.16 4.07
CA ASN C 27 -3.59 -37.45 4.90
C ASN C 27 -4.56 -36.30 5.20
N ASN C 28 -4.34 -35.13 4.58
CA ASN C 28 -5.25 -34.01 4.80
C ASN C 28 -6.27 -34.00 3.65
N THR C 29 -6.17 -35.02 2.80
CA THR C 29 -7.04 -35.21 1.65
C THR C 29 -7.75 -36.59 1.65
N LEU C 30 -9.08 -36.58 1.66
CA LEU C 30 -9.87 -37.81 1.63
C LEU C 30 -10.59 -37.81 0.28
N TRP C 31 -10.21 -38.70 -0.62
CA TRP C 31 -10.83 -38.69 -1.95
C TRP C 31 -11.05 -40.03 -2.65
N THR C 32 -11.72 -39.96 -3.80
CA THR C 32 -12.01 -41.12 -4.62
C THR C 32 -10.85 -41.37 -5.56
N GLY C 33 -9.87 -40.48 -5.51
CA GLY C 33 -8.73 -40.57 -6.40
C GLY C 33 -9.09 -39.69 -7.60
N ALA C 34 -8.11 -39.34 -8.42
CA ALA C 34 -8.37 -38.53 -9.60
C ALA C 34 -8.82 -39.53 -10.66
N LYS C 35 -9.73 -39.11 -11.54
CA LYS C 35 -10.25 -39.99 -12.60
C LYS C 35 -10.44 -41.47 -12.22
N PRO C 36 -11.45 -41.76 -11.39
CA PRO C 36 -11.73 -43.13 -10.97
C PRO C 36 -12.57 -43.96 -11.95
N SER C 37 -12.54 -45.28 -11.77
CA SER C 37 -13.32 -46.23 -12.57
C SER C 37 -14.75 -46.09 -12.06
N ALA C 38 -15.71 -46.68 -12.76
CA ALA C 38 -17.11 -46.60 -12.31
C ALA C 38 -17.05 -47.05 -10.85
N ASN C 39 -17.73 -46.32 -9.98
CA ASN C 39 -17.65 -46.62 -8.56
C ASN C 39 -18.89 -46.18 -7.82
N CYS C 40 -19.85 -45.64 -8.55
CA CYS C 40 -21.06 -45.13 -7.94
C CYS C 40 -22.31 -45.67 -8.64
N VAL C 41 -23.43 -45.69 -7.93
CA VAL C 41 -24.68 -46.18 -8.51
C VAL C 41 -25.75 -45.11 -8.42
N ILE C 42 -26.29 -44.73 -9.57
CA ILE C 42 -27.34 -43.72 -9.63
C ILE C 42 -28.71 -44.33 -9.87
N LYS C 43 -28.77 -45.42 -10.63
CA LYS C 43 -30.04 -46.08 -10.94
C LYS C 43 -30.67 -46.76 -9.73
N GLU C 44 -32.00 -46.73 -9.67
CA GLU C 44 -32.75 -47.33 -8.56
C GLU C 44 -32.45 -48.80 -8.30
N GLY C 45 -32.34 -49.15 -7.03
CA GLY C 45 -32.09 -50.53 -6.63
C GLY C 45 -31.07 -51.30 -7.45
N GLU C 46 -29.91 -50.68 -7.70
CA GLU C 46 -28.85 -51.33 -8.46
C GLU C 46 -27.66 -51.61 -7.54
N ASP C 47 -26.80 -52.55 -7.96
CA ASP C 47 -25.62 -52.89 -7.17
C ASP C 47 -24.33 -52.62 -7.93
N SER C 48 -24.37 -52.78 -9.25
CA SER C 48 -23.19 -52.55 -10.08
C SER C 48 -23.05 -51.08 -10.47
N PRO C 49 -21.84 -50.53 -10.38
CA PRO C 49 -21.53 -49.14 -10.70
C PRO C 49 -21.94 -48.73 -12.12
N ASP C 50 -22.72 -47.67 -12.23
CA ASP C 50 -23.14 -47.17 -13.54
C ASP C 50 -22.61 -45.76 -13.81
N CYS C 51 -21.75 -45.26 -12.93
CA CYS C 51 -21.14 -43.94 -13.11
C CYS C 51 -19.87 -43.73 -12.29
N LYS C 52 -19.08 -42.74 -12.69
CA LYS C 52 -17.83 -42.41 -12.03
C LYS C 52 -18.02 -41.13 -11.22
N LEU C 53 -17.83 -41.23 -9.91
CA LEU C 53 -17.97 -40.07 -9.03
C LEU C 53 -16.62 -39.60 -8.51
N THR C 54 -16.28 -38.34 -8.76
CA THR C 54 -15.03 -37.78 -8.27
C THR C 54 -15.37 -36.89 -7.08
N LEU C 55 -14.85 -37.22 -5.91
CA LEU C 55 -15.11 -36.43 -4.72
C LEU C 55 -13.83 -36.19 -3.93
N VAL C 56 -13.50 -34.92 -3.74
CA VAL C 56 -12.30 -34.56 -3.00
C VAL C 56 -12.69 -33.72 -1.79
N LEU C 57 -12.21 -34.15 -0.63
CA LEU C 57 -12.49 -33.45 0.64
C LEU C 57 -11.14 -33.14 1.29
N VAL C 58 -10.84 -31.87 1.45
CA VAL C 58 -9.56 -31.46 2.05
C VAL C 58 -9.77 -30.74 3.39
N LYS C 59 -8.93 -31.09 4.37
CA LYS C 59 -8.98 -30.47 5.68
C LYS C 59 -8.30 -29.12 5.56
N ASN C 60 -9.00 -28.07 5.97
CA ASN C 60 -8.45 -26.72 5.88
C ASN C 60 -8.97 -25.92 7.08
N GLY C 61 -8.21 -25.95 8.18
CA GLY C 61 -8.63 -25.26 9.39
C GLY C 61 -9.88 -25.92 9.92
N GLY C 62 -10.86 -25.13 10.35
CA GLY C 62 -12.10 -25.72 10.84
C GLY C 62 -13.06 -26.08 9.71
N LEU C 63 -12.55 -26.04 8.49
CA LEU C 63 -13.38 -26.34 7.33
C LEU C 63 -12.88 -27.47 6.44
N ILE C 64 -13.79 -27.96 5.61
CA ILE C 64 -13.45 -28.97 4.61
C ILE C 64 -13.72 -28.26 3.29
N ASN C 65 -12.75 -28.23 2.39
CA ASN C 65 -12.96 -27.61 1.07
C ASN C 65 -13.32 -28.80 0.20
N GLY C 66 -14.47 -28.73 -0.46
CA GLY C 66 -14.89 -29.84 -1.30
C GLY C 66 -15.01 -29.60 -2.80
N TYR C 67 -14.79 -30.67 -3.54
CA TYR C 67 -14.85 -30.69 -5.01
C TYR C 67 -15.59 -31.97 -5.39
N ILE C 68 -16.57 -31.86 -6.28
CA ILE C 68 -17.30 -33.04 -6.69
C ILE C 68 -17.74 -32.96 -8.14
N THR C 69 -17.55 -34.06 -8.86
CA THR C 69 -17.92 -34.14 -10.25
C THR C 69 -18.48 -35.53 -10.58
N LEU C 70 -19.44 -35.58 -11.49
CA LEU C 70 -20.07 -36.85 -11.89
C LEU C 70 -19.86 -37.14 -13.37
N MET C 71 -19.51 -38.39 -13.70
CA MET C 71 -19.36 -38.80 -15.10
C MET C 71 -20.06 -40.13 -15.33
N GLY C 72 -21.19 -40.09 -16.04
CA GLY C 72 -21.94 -41.30 -16.32
C GLY C 72 -21.12 -42.36 -17.03
N ALA C 73 -21.45 -43.63 -16.78
CA ALA C 73 -20.73 -44.75 -17.39
C ALA C 73 -21.67 -45.92 -17.75
N SER C 74 -22.91 -45.60 -18.10
CA SER C 74 -23.88 -46.64 -18.48
C SER C 74 -24.89 -46.03 -19.44
N GLU C 75 -25.60 -46.89 -20.17
CA GLU C 75 -26.61 -46.44 -21.11
C GLU C 75 -27.70 -45.68 -20.39
N TYR C 76 -28.09 -46.17 -19.21
CA TYR C 76 -29.12 -45.49 -18.44
C TYR C 76 -28.70 -44.10 -17.95
N THR C 77 -27.44 -43.94 -17.54
CA THR C 77 -26.99 -42.64 -17.04
C THR C 77 -26.74 -41.68 -18.21
N ASN C 78 -26.08 -42.17 -19.26
CA ASN C 78 -25.77 -41.37 -20.44
C ASN C 78 -26.99 -41.17 -21.35
N THR C 79 -28.17 -41.38 -20.80
CA THR C 79 -29.42 -41.22 -21.53
C THR C 79 -30.39 -40.41 -20.70
N LEU C 80 -30.08 -40.26 -19.42
CA LEU C 80 -30.91 -39.50 -18.51
C LEU C 80 -31.28 -38.13 -19.07
N PHE C 81 -30.33 -37.52 -19.79
CA PHE C 81 -30.56 -36.19 -20.34
C PHE C 81 -31.27 -36.10 -21.68
N LYS C 82 -32.14 -37.07 -21.95
CA LYS C 82 -32.95 -37.06 -23.16
C LYS C 82 -34.28 -36.50 -22.69
N ASN C 83 -34.34 -36.19 -21.40
CA ASN C 83 -35.52 -35.60 -20.76
C ASN C 83 -35.14 -34.20 -20.28
N ASN C 84 -36.14 -33.37 -20.03
CA ASN C 84 -35.87 -32.00 -19.59
C ASN C 84 -35.91 -31.79 -18.08
N GLN C 85 -36.53 -32.71 -17.35
CA GLN C 85 -36.60 -32.59 -15.90
C GLN C 85 -36.04 -33.83 -15.23
N VAL C 86 -34.79 -33.74 -14.81
CA VAL C 86 -34.11 -34.86 -14.16
C VAL C 86 -33.47 -34.46 -12.84
N THR C 87 -33.49 -35.39 -11.88
CA THR C 87 -32.88 -35.16 -10.58
C THR C 87 -32.00 -36.36 -10.25
N ILE C 88 -30.72 -36.11 -10.03
CA ILE C 88 -29.80 -37.21 -9.74
C ILE C 88 -29.32 -37.13 -8.30
N ASP C 89 -29.37 -38.26 -7.60
CA ASP C 89 -28.94 -38.32 -6.21
C ASP C 89 -27.77 -39.26 -5.96
N VAL C 90 -26.85 -38.81 -5.13
CA VAL C 90 -25.68 -39.60 -4.74
C VAL C 90 -25.67 -39.41 -3.24
N ASN C 91 -26.00 -40.47 -2.51
CA ASN C 91 -26.05 -40.41 -1.06
C ASN C 91 -24.90 -41.12 -0.40
N LEU C 92 -24.32 -40.48 0.61
CA LEU C 92 -23.19 -41.03 1.32
C LEU C 92 -23.48 -41.22 2.81
N ALA C 93 -23.21 -42.43 3.30
CA ALA C 93 -23.42 -42.79 4.70
C ALA C 93 -22.07 -43.24 5.25
N PHE C 94 -21.70 -42.73 6.42
CA PHE C 94 -20.41 -43.07 7.02
C PHE C 94 -20.57 -43.66 8.42
N ASP C 95 -19.58 -44.42 8.87
CA ASP C 95 -19.64 -45.00 10.19
C ASP C 95 -18.96 -44.04 11.18
N ASN C 96 -18.96 -44.38 12.45
CA ASN C 96 -18.38 -43.53 13.48
C ASN C 96 -16.92 -43.12 13.26
N THR C 97 -16.23 -43.76 12.31
CA THR C 97 -14.83 -43.41 12.02
C THR C 97 -14.68 -42.69 10.67
N GLY C 98 -15.78 -42.20 10.11
CA GLY C 98 -15.74 -41.50 8.84
C GLY C 98 -15.45 -42.37 7.63
N GLN C 99 -15.70 -43.68 7.76
CA GLN C 99 -15.50 -44.62 6.65
C GLN C 99 -16.84 -44.80 5.94
N ILE C 100 -16.80 -45.03 4.63
CA ILE C 100 -18.04 -45.23 3.88
C ILE C 100 -18.68 -46.59 4.21
N ILE C 101 -20.01 -46.59 4.29
CA ILE C 101 -20.79 -47.80 4.54
C ILE C 101 -21.43 -48.06 3.18
N THR C 102 -20.78 -48.90 2.37
CA THR C 102 -21.24 -49.15 1.01
C THR C 102 -22.69 -49.57 0.76
N TYR C 103 -23.27 -50.42 1.62
CA TYR C 103 -24.65 -50.85 1.38
C TYR C 103 -25.68 -49.76 1.69
N LEU C 104 -25.22 -48.65 2.26
CA LEU C 104 -26.13 -47.56 2.57
C LEU C 104 -25.87 -46.38 1.64
N SER C 105 -24.78 -46.46 0.88
CA SER C 105 -24.38 -45.37 -0.01
C SER C 105 -24.48 -45.66 -1.51
N SER C 106 -24.43 -44.59 -2.30
CA SER C 106 -24.46 -44.70 -3.76
C SER C 106 -23.03 -45.02 -4.15
N LEU C 107 -22.09 -44.51 -3.37
CA LEU C 107 -20.67 -44.76 -3.61
C LEU C 107 -20.42 -46.17 -3.06
N LYS C 108 -19.85 -47.04 -3.89
CA LYS C 108 -19.62 -48.42 -3.49
C LYS C 108 -18.21 -48.85 -3.17
N SER C 109 -17.35 -47.90 -2.85
CA SER C 109 -15.99 -48.21 -2.44
C SER C 109 -15.55 -47.05 -1.57
N ASN C 110 -14.95 -47.38 -0.42
CA ASN C 110 -14.50 -46.41 0.56
C ASN C 110 -13.53 -45.40 0.00
N LEU C 111 -13.57 -44.18 0.54
CA LEU C 111 -12.65 -43.14 0.14
C LEU C 111 -11.35 -43.44 0.88
N ASN C 112 -10.28 -42.79 0.48
CA ASN C 112 -9.01 -42.97 1.16
C ASN C 112 -8.16 -41.71 0.94
N PHE C 113 -7.01 -41.66 1.60
CA PHE C 113 -6.11 -40.51 1.50
C PHE C 113 -5.43 -40.43 0.15
N LYS C 114 -4.86 -39.26 -0.16
CA LYS C 114 -4.17 -39.03 -1.41
C LYS C 114 -2.77 -39.64 -1.50
N ASP C 115 -2.49 -40.30 -2.61
CA ASP C 115 -1.19 -40.89 -2.87
C ASP C 115 -0.97 -40.59 -4.35
N ASN C 116 -0.49 -39.36 -4.61
CA ASN C 116 -0.29 -38.86 -5.95
C ASN C 116 -1.70 -38.78 -6.54
N GLN C 117 -1.91 -39.29 -7.74
CA GLN C 117 -3.22 -39.25 -8.37
C GLN C 117 -4.19 -40.35 -7.91
N ASN C 118 -3.73 -41.23 -7.02
CA ASN C 118 -4.58 -42.33 -6.54
C ASN C 118 -5.10 -42.29 -5.10
N MET C 119 -5.91 -43.29 -4.77
CA MET C 119 -6.42 -43.46 -3.41
C MET C 119 -5.30 -44.25 -2.77
N ALA C 120 -4.94 -43.92 -1.54
CA ALA C 120 -3.88 -44.65 -0.87
C ALA C 120 -4.29 -46.09 -0.64
N THR C 121 -3.30 -46.96 -0.49
CA THR C 121 -3.57 -48.36 -0.20
C THR C 121 -3.32 -48.47 1.29
N GLY C 122 -4.12 -49.26 1.98
CA GLY C 122 -3.92 -49.39 3.41
C GLY C 122 -5.16 -49.12 4.21
N THR C 123 -5.20 -49.64 5.42
CA THR C 123 -6.34 -49.46 6.29
C THR C 123 -6.37 -48.05 6.86
N ILE C 124 -7.57 -47.49 6.98
CA ILE C 124 -7.73 -46.15 7.52
C ILE C 124 -8.16 -46.20 8.98
N THR C 125 -7.33 -45.62 9.85
CA THR C 125 -7.64 -45.56 11.27
C THR C 125 -8.32 -44.22 11.47
N SER C 126 -9.63 -44.19 11.26
CA SER C 126 -10.39 -42.96 11.42
C SER C 126 -10.10 -41.84 10.43
N ALA C 127 -11.19 -41.27 9.94
CA ALA C 127 -11.18 -40.17 9.00
C ALA C 127 -12.34 -39.33 9.52
N LYS C 128 -12.57 -39.42 10.84
CA LYS C 128 -13.65 -38.70 11.48
C LYS C 128 -13.55 -37.19 11.26
N GLY C 129 -12.32 -36.68 11.23
CA GLY C 129 -12.10 -35.25 11.03
C GLY C 129 -12.62 -34.69 9.70
N PHE C 130 -12.85 -35.55 8.71
CA PHE C 130 -13.35 -35.07 7.42
C PHE C 130 -14.87 -35.00 7.38
N MET C 131 -15.51 -35.46 8.45
CA MET C 131 -16.97 -35.47 8.48
C MET C 131 -17.62 -34.14 8.82
N PRO C 132 -18.89 -33.97 8.42
CA PRO C 132 -19.72 -32.78 8.66
C PRO C 132 -20.01 -32.63 10.15
N SER C 133 -19.74 -31.45 10.70
CA SER C 133 -20.00 -31.21 12.11
C SER C 133 -21.45 -31.50 12.50
N THR C 134 -21.63 -32.34 13.53
CA THR C 134 -22.96 -32.68 14.02
C THR C 134 -23.45 -31.51 14.88
N THR C 135 -22.50 -30.75 15.40
CA THR C 135 -22.76 -29.58 16.22
C THR C 135 -23.39 -28.50 15.33
N ALA C 136 -22.77 -28.31 14.16
CA ALA C 136 -23.22 -27.31 13.20
C ALA C 136 -24.38 -27.84 12.36
N TYR C 137 -24.23 -29.07 11.87
CA TYR C 137 -25.27 -29.68 11.05
C TYR C 137 -25.75 -30.92 11.83
N PRO C 138 -26.80 -30.74 12.65
CA PRO C 138 -27.39 -31.79 13.48
C PRO C 138 -28.25 -32.80 12.70
N PHE C 139 -28.54 -33.92 13.35
CA PHE C 139 -29.38 -34.96 12.76
C PHE C 139 -30.79 -34.65 13.28
N ILE C 140 -31.80 -35.06 12.52
CA ILE C 140 -33.18 -34.81 12.94
C ILE C 140 -33.48 -35.58 14.23
N THR C 141 -34.12 -34.89 15.18
CA THR C 141 -34.45 -35.50 16.46
C THR C 141 -35.95 -35.78 16.61
N TYR C 142 -36.80 -34.90 16.10
CA TYR C 142 -38.24 -35.15 16.17
C TYR C 142 -38.89 -35.26 14.79
N ALA C 143 -40.22 -35.36 14.76
CA ALA C 143 -40.97 -35.53 13.50
C ALA C 143 -41.00 -34.35 12.52
N THR C 144 -41.60 -33.25 12.94
CA THR C 144 -41.73 -32.07 12.08
C THR C 144 -40.49 -31.18 12.03
N GLU C 145 -39.34 -31.72 12.42
CA GLU C 145 -38.10 -30.95 12.44
C GLU C 145 -37.52 -30.78 11.03
N THR C 146 -37.23 -29.52 10.67
CA THR C 146 -36.70 -29.20 9.35
C THR C 146 -35.16 -29.14 9.27
N LEU C 147 -34.53 -28.47 10.23
CA LEU C 147 -33.07 -28.34 10.25
C LEU C 147 -32.53 -27.86 8.89
N ASN C 148 -32.96 -26.68 8.48
CA ASN C 148 -32.54 -26.12 7.21
C ASN C 148 -31.08 -25.67 7.15
N GLU C 149 -30.41 -25.62 8.30
CA GLU C 149 -29.00 -25.22 8.34
C GLU C 149 -28.16 -26.36 7.80
N ASP C 150 -28.80 -27.48 7.48
CA ASP C 150 -28.09 -28.65 6.99
C ASP C 150 -27.92 -28.65 5.46
N TYR C 151 -28.48 -27.64 4.80
CA TYR C 151 -28.40 -27.58 3.35
C TYR C 151 -27.44 -26.53 2.74
N ILE C 152 -26.82 -26.91 1.63
CA ILE C 152 -25.92 -26.04 0.88
C ILE C 152 -26.46 -26.08 -0.55
N TYR C 153 -26.83 -24.91 -1.08
CA TYR C 153 -27.36 -24.83 -2.44
C TYR C 153 -26.35 -24.10 -3.31
N GLY C 154 -26.18 -24.60 -4.52
CA GLY C 154 -25.24 -24.01 -5.44
C GLY C 154 -25.59 -24.38 -6.86
N GLU C 155 -24.62 -24.30 -7.76
CA GLU C 155 -24.89 -24.60 -9.15
C GLU C 155 -23.67 -25.02 -9.94
N CYS C 156 -23.90 -25.91 -10.92
CA CYS C 156 -22.84 -26.35 -11.83
C CYS C 156 -23.51 -26.51 -13.20
N TYR C 157 -22.81 -27.05 -14.20
CA TYR C 157 -23.44 -27.14 -15.52
C TYR C 157 -23.16 -28.39 -16.32
N TYR C 158 -24.03 -28.62 -17.29
CA TYR C 158 -23.89 -29.73 -18.21
C TYR C 158 -23.76 -29.09 -19.59
N LYS C 159 -22.74 -29.47 -20.34
CA LYS C 159 -22.54 -28.92 -21.67
C LYS C 159 -23.04 -29.95 -22.67
N SER C 160 -24.03 -29.57 -23.47
CA SER C 160 -24.60 -30.50 -24.44
C SER C 160 -23.76 -30.69 -25.70
N THR C 161 -24.23 -31.58 -26.56
CA THR C 161 -23.55 -31.90 -27.80
C THR C 161 -23.38 -30.71 -28.74
N ASN C 162 -24.35 -29.81 -28.73
CA ASN C 162 -24.30 -28.65 -29.61
C ASN C 162 -23.61 -27.49 -28.92
N GLY C 163 -23.05 -27.73 -27.74
CA GLY C 163 -22.33 -26.71 -27.01
C GLY C 163 -23.10 -25.79 -26.08
N THR C 164 -24.38 -26.05 -25.85
CA THR C 164 -25.16 -25.20 -24.96
C THR C 164 -24.98 -25.59 -23.49
N LEU C 165 -24.96 -24.60 -22.61
CA LEU C 165 -24.78 -24.84 -21.20
C LEU C 165 -26.09 -24.90 -20.45
N PHE C 166 -26.37 -26.04 -19.82
CA PHE C 166 -27.59 -26.18 -19.05
C PHE C 166 -27.24 -26.08 -17.58
N PRO C 167 -27.96 -25.26 -16.83
CA PRO C 167 -27.62 -25.16 -15.41
C PRO C 167 -28.22 -26.33 -14.64
N LEU C 168 -27.53 -26.73 -13.58
CA LEU C 168 -27.96 -27.81 -12.72
C LEU C 168 -27.96 -27.26 -11.30
N LYS C 169 -29.11 -27.30 -10.63
CA LYS C 169 -29.17 -26.82 -9.26
C LYS C 169 -28.64 -27.93 -8.36
N VAL C 170 -27.64 -27.59 -7.58
CA VAL C 170 -27.02 -28.57 -6.70
C VAL C 170 -27.44 -28.40 -5.26
N THR C 171 -27.85 -29.50 -4.63
CA THR C 171 -28.25 -29.47 -3.23
C THR C 171 -27.33 -30.40 -2.46
N VAL C 172 -26.81 -29.93 -1.34
CA VAL C 172 -25.94 -30.75 -0.51
C VAL C 172 -26.57 -30.86 0.87
N THR C 173 -26.90 -32.09 1.28
CA THR C 173 -27.52 -32.32 2.57
C THR C 173 -26.46 -32.87 3.51
N LEU C 174 -26.21 -32.15 4.60
CA LEU C 174 -25.22 -32.57 5.58
C LEU C 174 -25.89 -33.22 6.78
N ASN C 175 -25.57 -34.50 7.01
CA ASN C 175 -26.15 -35.28 8.10
C ASN C 175 -27.67 -35.26 7.98
N ARG C 176 -28.31 -34.76 9.03
CA ARG C 176 -29.75 -34.66 9.08
C ARG C 176 -30.49 -35.97 9.29
N ARG C 177 -30.64 -36.77 8.24
CA ARG C 177 -31.33 -38.05 8.37
C ARG C 177 -30.41 -39.23 8.58
N MET C 178 -30.66 -39.99 9.66
CA MET C 178 -29.85 -41.17 9.93
C MET C 178 -30.61 -42.41 9.41
N LEU C 179 -29.86 -43.34 8.82
CA LEU C 179 -30.46 -44.54 8.23
C LEU C 179 -30.29 -45.85 8.99
N ALA C 180 -29.10 -46.10 9.54
CA ALA C 180 -28.85 -47.34 10.27
C ALA C 180 -28.16 -47.12 11.59
N SER C 181 -28.12 -48.17 12.41
CA SER C 181 -27.51 -48.11 13.72
C SER C 181 -26.01 -47.79 13.72
N GLY C 182 -25.30 -48.21 12.67
CA GLY C 182 -23.88 -47.95 12.60
C GLY C 182 -23.49 -46.63 11.96
N MET C 183 -24.46 -46.00 11.30
CA MET C 183 -24.25 -44.74 10.62
C MET C 183 -24.07 -43.57 11.57
N ALA C 184 -22.99 -42.82 11.40
CA ALA C 184 -22.71 -41.67 12.25
C ALA C 184 -22.83 -40.35 11.49
N TYR C 185 -22.49 -40.35 10.20
CA TYR C 185 -22.58 -39.14 9.39
C TYR C 185 -23.15 -39.39 8.00
N ALA C 186 -23.73 -38.34 7.41
CA ALA C 186 -24.30 -38.44 6.08
C ALA C 186 -23.92 -37.21 5.24
N MET C 187 -23.91 -37.40 3.92
CA MET C 187 -23.58 -36.34 2.99
C MET C 187 -24.27 -36.72 1.68
N ASN C 188 -25.35 -36.01 1.34
CA ASN C 188 -26.10 -36.31 0.12
C ASN C 188 -26.04 -35.19 -0.91
N PHE C 189 -25.91 -35.57 -2.17
CA PHE C 189 -25.82 -34.60 -3.25
C PHE C 189 -26.94 -34.89 -4.25
N SER C 190 -27.48 -33.83 -4.84
CA SER C 190 -28.51 -33.98 -5.85
C SER C 190 -28.37 -32.87 -6.89
N TRP C 191 -28.26 -33.30 -8.15
CA TRP C 191 -28.14 -32.40 -9.28
C TRP C 191 -29.54 -32.30 -9.89
N SER C 192 -30.06 -31.10 -10.01
CA SER C 192 -31.40 -30.93 -10.55
C SER C 192 -31.44 -30.20 -11.91
N LEU C 193 -31.91 -30.89 -12.94
CA LEU C 193 -32.03 -30.31 -14.27
C LEU C 193 -33.48 -29.93 -14.52
N ASN C 194 -33.70 -28.71 -14.99
CA ASN C 194 -35.05 -28.25 -15.27
C ASN C 194 -35.03 -27.27 -16.43
N ALA C 195 -34.81 -27.82 -17.63
CA ALA C 195 -34.72 -27.03 -18.84
C ALA C 195 -35.96 -27.01 -19.72
N GLU C 196 -35.98 -26.05 -20.64
CA GLU C 196 -37.07 -25.86 -21.60
C GLU C 196 -37.32 -27.16 -22.34
N GLU C 197 -36.23 -27.75 -22.81
CA GLU C 197 -36.30 -29.00 -23.54
C GLU C 197 -35.08 -29.87 -23.27
N ALA C 198 -35.15 -31.13 -23.67
CA ALA C 198 -34.08 -32.09 -23.46
C ALA C 198 -32.75 -31.66 -24.06
N PRO C 199 -31.70 -31.59 -23.23
CA PRO C 199 -30.37 -31.19 -23.72
C PRO C 199 -29.91 -32.08 -24.86
N GLU C 200 -30.23 -33.37 -24.79
CA GLU C 200 -29.80 -34.32 -25.80
C GLU C 200 -30.90 -35.11 -26.49
N THR C 201 -30.50 -35.86 -27.52
CA THR C 201 -31.38 -36.72 -28.32
C THR C 201 -30.66 -38.05 -28.47
N THR C 202 -29.38 -38.07 -28.12
CA THR C 202 -28.56 -39.26 -28.22
C THR C 202 -28.03 -39.69 -26.86
N GLU C 203 -27.34 -40.83 -26.85
CA GLU C 203 -26.71 -41.33 -25.64
C GLU C 203 -25.36 -40.60 -25.60
N VAL C 204 -25.20 -39.70 -24.63
CA VAL C 204 -23.97 -38.93 -24.50
C VAL C 204 -23.49 -39.02 -23.06
N THR C 205 -22.19 -39.21 -22.87
CA THR C 205 -21.64 -39.32 -21.53
C THR C 205 -22.08 -38.15 -20.67
N LEU C 206 -22.77 -38.46 -19.58
CA LEU C 206 -23.23 -37.46 -18.65
C LEU C 206 -21.99 -36.85 -18.00
N ILE C 207 -21.95 -35.51 -17.90
CA ILE C 207 -20.81 -34.83 -17.29
C ILE C 207 -21.23 -33.57 -16.56
N THR C 208 -21.06 -33.56 -15.24
CA THR C 208 -21.41 -32.37 -14.45
C THR C 208 -20.12 -31.59 -14.21
N SER C 209 -20.14 -30.28 -14.45
CA SER C 209 -18.95 -29.45 -14.25
C SER C 209 -18.67 -29.29 -12.77
N PRO C 210 -17.40 -29.22 -12.38
CA PRO C 210 -17.00 -29.08 -10.98
C PRO C 210 -17.83 -28.16 -10.11
N PHE C 211 -18.30 -28.69 -8.99
CA PHE C 211 -19.07 -27.89 -8.06
C PHE C 211 -18.19 -27.76 -6.82
N PHE C 212 -18.09 -26.57 -6.24
CA PHE C 212 -17.25 -26.36 -5.06
C PHE C 212 -18.11 -26.03 -3.85
N PHE C 213 -17.64 -26.44 -2.69
CA PHE C 213 -18.38 -26.17 -1.45
C PHE C 213 -17.48 -26.30 -0.24
N SER C 214 -18.00 -25.89 0.91
CA SER C 214 -17.25 -25.97 2.16
C SER C 214 -18.25 -26.20 3.29
N TYR C 215 -17.76 -26.76 4.40
CA TYR C 215 -18.62 -26.99 5.55
C TYR C 215 -17.79 -27.09 6.83
N ILE C 216 -18.41 -26.79 7.97
CA ILE C 216 -17.72 -26.88 9.26
C ILE C 216 -17.39 -28.38 9.48
N ARG C 217 -16.12 -28.70 9.69
CA ARG C 217 -15.76 -30.10 9.88
C ARG C 217 -15.86 -30.60 11.33
N GLU C 218 -16.11 -31.90 11.46
CA GLU C 218 -16.22 -32.58 12.75
C GLU C 218 -14.81 -32.64 13.35
N ASP C 219 -14.72 -32.66 14.67
CA ASP C 219 -13.40 -32.75 15.26
C ASP C 219 -12.77 -34.11 15.02
N ASP C 220 -11.44 -34.16 15.05
CA ASP C 220 -10.72 -35.40 14.80
C ASP C 220 -11.00 -36.45 15.88
N ILE D 25 13.06 27.05 -21.45
CA ILE D 25 11.91 26.65 -20.57
C ILE D 25 12.14 25.30 -19.88
N GLU D 26 12.37 25.35 -18.57
CA GLU D 26 12.58 24.14 -17.76
C GLU D 26 11.27 23.73 -17.09
N ASN D 27 10.62 22.69 -17.61
CA ASN D 27 9.35 22.22 -17.07
C ASN D 27 9.38 21.29 -15.84
N ASN D 28 10.52 21.24 -15.16
CA ASN D 28 10.62 20.41 -13.95
C ASN D 28 10.40 21.38 -12.79
N THR D 29 10.17 22.65 -13.15
CA THR D 29 9.96 23.71 -12.19
C THR D 29 8.60 24.40 -12.38
N LEU D 30 7.77 24.32 -11.37
CA LEU D 30 6.47 24.97 -11.40
C LEU D 30 6.59 26.14 -10.41
N TRP D 31 6.51 27.38 -10.90
CA TRP D 31 6.64 28.51 -10.00
C TRP D 31 5.82 29.78 -10.29
N THR D 32 6.07 30.81 -9.47
CA THR D 32 5.42 32.11 -9.53
C THR D 32 6.35 33.06 -10.26
N GLY D 33 7.55 32.58 -10.56
CA GLY D 33 8.54 33.39 -11.22
C GLY D 33 9.34 34.09 -10.13
N ALA D 34 10.63 34.30 -10.36
CA ALA D 34 11.44 34.99 -9.37
C ALA D 34 10.88 36.42 -9.21
N LYS D 35 11.05 37.01 -8.03
CA LYS D 35 10.56 38.36 -7.75
C LYS D 35 9.27 38.79 -8.44
N PRO D 36 8.14 38.15 -8.11
CA PRO D 36 6.90 38.54 -8.77
C PRO D 36 6.24 39.82 -8.22
N SER D 37 5.25 40.28 -8.98
CA SER D 37 4.46 41.45 -8.65
C SER D 37 3.39 40.94 -7.71
N ALA D 38 2.71 41.86 -7.03
CA ALA D 38 1.64 41.50 -6.11
C ALA D 38 0.77 40.47 -6.83
N ASN D 39 0.69 39.26 -6.28
CA ASN D 39 -0.06 38.19 -6.91
C ASN D 39 -0.88 37.44 -5.90
N CYS D 40 -0.73 37.81 -4.64
CA CYS D 40 -1.41 37.10 -3.57
C CYS D 40 -2.26 37.99 -2.68
N VAL D 41 -3.34 37.44 -2.16
CA VAL D 41 -4.24 38.17 -1.28
C VAL D 41 -4.29 37.55 0.12
N ILE D 42 -3.76 38.27 1.10
CA ILE D 42 -3.75 37.79 2.49
C ILE D 42 -4.97 38.28 3.26
N LYS D 43 -5.30 39.56 3.11
CA LYS D 43 -6.44 40.17 3.82
C LYS D 43 -7.83 39.58 3.52
N GLU D 44 -8.57 39.32 4.60
CA GLU D 44 -9.93 38.76 4.55
C GLU D 44 -10.86 39.46 3.56
N GLY D 45 -11.66 38.67 2.86
CA GLY D 45 -12.62 39.20 1.90
C GLY D 45 -12.11 40.22 0.91
N GLU D 46 -10.84 40.11 0.52
CA GLU D 46 -10.26 41.03 -0.45
C GLU D 46 -10.07 40.34 -1.79
N ASP D 47 -10.11 41.13 -2.87
CA ASP D 47 -9.94 40.57 -4.20
C ASP D 47 -8.67 41.05 -4.89
N SER D 48 -8.19 42.23 -4.50
CA SER D 48 -6.99 42.74 -5.14
C SER D 48 -5.76 42.39 -4.32
N PRO D 49 -4.71 41.88 -4.98
CA PRO D 49 -3.43 41.48 -4.37
C PRO D 49 -2.90 42.51 -3.39
N ASP D 50 -2.38 42.03 -2.25
CA ASP D 50 -1.80 42.92 -1.23
C ASP D 50 -0.39 42.46 -0.83
N CYS D 51 0.09 41.38 -1.44
CA CYS D 51 1.44 40.87 -1.16
C CYS D 51 2.01 40.05 -2.32
N LYS D 52 3.33 39.84 -2.26
CA LYS D 52 4.04 39.10 -3.27
C LYS D 52 4.46 37.70 -2.80
N LEU D 53 3.80 36.68 -3.31
CA LEU D 53 4.11 35.30 -2.96
C LEU D 53 5.11 34.68 -3.93
N THR D 54 6.30 34.33 -3.45
CA THR D 54 7.28 33.66 -4.29
C THR D 54 7.19 32.16 -3.92
N LEU D 55 6.77 31.33 -4.87
CA LEU D 55 6.63 29.88 -4.64
C LEU D 55 7.31 29.06 -5.74
N VAL D 56 8.28 28.23 -5.35
CA VAL D 56 8.99 27.40 -6.30
C VAL D 56 8.84 25.91 -5.95
N LEU D 57 8.22 25.15 -6.86
CA LEU D 57 8.01 23.72 -6.68
C LEU D 57 8.82 22.95 -7.73
N VAL D 58 9.86 22.24 -7.30
CA VAL D 58 10.70 21.48 -8.25
C VAL D 58 10.54 19.96 -8.19
N LYS D 59 10.48 19.32 -9.36
CA LYS D 59 10.37 17.87 -9.41
C LYS D 59 11.73 17.26 -9.17
N ASN D 60 11.78 16.34 -8.23
CA ASN D 60 13.03 15.67 -7.88
C ASN D 60 12.68 14.23 -7.48
N GLY D 61 12.69 13.35 -8.46
CA GLY D 61 12.36 11.96 -8.21
C GLY D 61 10.94 11.89 -7.69
N GLY D 62 10.72 11.08 -6.67
CA GLY D 62 9.39 10.98 -6.10
C GLY D 62 9.02 12.17 -5.22
N LEU D 63 9.94 13.11 -5.06
CA LEU D 63 9.67 14.29 -4.22
C LEU D 63 9.63 15.63 -4.95
N ILE D 64 9.05 16.62 -4.27
CA ILE D 64 8.98 17.99 -4.75
C ILE D 64 9.86 18.78 -3.79
N ASN D 65 10.81 19.57 -4.29
CA ASN D 65 11.61 20.43 -3.40
C ASN D 65 10.90 21.78 -3.43
N GLY D 66 10.50 22.27 -2.26
CA GLY D 66 9.79 23.53 -2.16
C GLY D 66 10.57 24.70 -1.58
N TYR D 67 10.16 25.91 -1.98
CA TYR D 67 10.74 27.17 -1.53
C TYR D 67 9.59 28.17 -1.54
N ILE D 68 9.37 28.85 -0.43
CA ILE D 68 8.29 29.80 -0.35
C ILE D 68 8.74 31.00 0.46
N THR D 69 8.30 32.18 0.02
CA THR D 69 8.69 33.43 0.65
C THR D 69 7.56 34.43 0.42
N LEU D 70 7.33 35.30 1.40
CA LEU D 70 6.25 36.29 1.30
C LEU D 70 6.78 37.71 1.49
N MET D 71 6.32 38.64 0.66
CA MET D 71 6.71 40.04 0.79
C MET D 71 5.46 40.90 0.69
N GLY D 72 5.17 41.64 1.76
CA GLY D 72 4.00 42.49 1.80
C GLY D 72 3.98 43.62 0.76
N ALA D 73 2.79 43.93 0.25
CA ALA D 73 2.69 45.00 -0.75
C ALA D 73 1.49 45.91 -0.50
N SER D 74 1.26 46.25 0.76
CA SER D 74 0.16 47.14 1.10
C SER D 74 0.34 47.61 2.54
N GLU D 75 -0.46 48.59 2.92
CA GLU D 75 -0.39 49.14 4.26
C GLU D 75 -0.88 48.12 5.28
N TYR D 76 -1.96 47.43 4.93
CA TYR D 76 -2.49 46.42 5.84
C TYR D 76 -1.46 45.35 6.15
N THR D 77 -0.90 44.74 5.11
CA THR D 77 0.06 43.69 5.34
C THR D 77 1.34 44.21 5.96
N ASN D 78 1.77 45.41 5.56
CA ASN D 78 3.00 45.96 6.11
C ASN D 78 2.78 46.62 7.48
N THR D 79 1.59 46.40 8.04
CA THR D 79 1.21 46.91 9.34
C THR D 79 0.95 45.75 10.32
N LEU D 80 0.73 44.55 9.79
CA LEU D 80 0.46 43.38 10.61
C LEU D 80 1.39 43.17 11.80
N PHE D 81 2.68 43.35 11.59
CA PHE D 81 3.63 43.15 12.68
C PHE D 81 3.77 44.30 13.69
N LYS D 82 2.69 45.05 13.87
CA LYS D 82 2.69 46.12 14.86
C LYS D 82 1.99 45.52 16.08
N ASN D 83 1.68 44.23 15.96
CA ASN D 83 1.04 43.44 17.01
C ASN D 83 2.06 42.36 17.34
N ASN D 84 1.93 41.74 18.51
CA ASN D 84 2.89 40.71 18.89
C ASN D 84 2.43 39.29 18.56
N GLN D 85 1.16 39.15 18.19
CA GLN D 85 0.61 37.85 17.83
C GLN D 85 -0.12 37.92 16.50
N VAL D 86 0.47 37.30 15.48
CA VAL D 86 -0.13 37.31 14.15
C VAL D 86 -0.01 35.99 13.42
N THR D 87 -1.05 35.64 12.68
CA THR D 87 -1.05 34.43 11.89
C THR D 87 -1.49 34.75 10.46
N ILE D 88 -0.58 34.53 9.53
CA ILE D 88 -0.82 34.77 8.11
C ILE D 88 -1.06 33.44 7.38
N ASP D 89 -2.17 33.35 6.66
CA ASP D 89 -2.52 32.14 5.91
C ASP D 89 -2.62 32.36 4.39
N VAL D 90 -1.90 31.53 3.64
CA VAL D 90 -1.95 31.56 2.18
C VAL D 90 -2.49 30.18 1.77
N ASN D 91 -3.67 30.15 1.16
CA ASN D 91 -4.28 28.88 0.76
C ASN D 91 -4.28 28.67 -0.75
N LEU D 92 -3.81 27.49 -1.16
CA LEU D 92 -3.75 27.13 -2.58
C LEU D 92 -4.59 25.90 -2.87
N ALA D 93 -5.47 26.02 -3.86
CA ALA D 93 -6.34 24.92 -4.26
C ALA D 93 -6.19 24.75 -5.77
N PHE D 94 -5.90 23.51 -6.21
CA PHE D 94 -5.74 23.25 -7.65
C PHE D 94 -6.79 22.26 -8.17
N ASP D 95 -6.92 22.23 -9.50
CA ASP D 95 -7.86 21.32 -10.17
C ASP D 95 -7.15 20.00 -10.52
N ASN D 96 -7.89 19.10 -11.13
CA ASN D 96 -7.35 17.79 -11.49
C ASN D 96 -6.09 17.79 -12.37
N THR D 97 -5.67 18.96 -12.86
CA THR D 97 -4.45 19.03 -13.68
C THR D 97 -3.37 19.83 -12.96
N GLY D 98 -3.61 20.12 -11.69
CA GLY D 98 -2.64 20.86 -10.89
C GLY D 98 -2.55 22.34 -11.21
N GLN D 99 -3.66 22.92 -11.64
CA GLN D 99 -3.71 24.36 -11.96
C GLN D 99 -4.41 25.08 -10.80
N ILE D 100 -3.93 26.27 -10.47
CA ILE D 100 -4.54 27.06 -9.42
C ILE D 100 -6.00 27.42 -9.72
N ILE D 101 -6.90 27.23 -8.77
CA ILE D 101 -8.29 27.62 -8.95
C ILE D 101 -8.32 28.95 -8.17
N THR D 102 -7.99 30.04 -8.86
CA THR D 102 -7.91 31.37 -8.24
C THR D 102 -9.08 31.83 -7.39
N TYR D 103 -10.29 31.46 -7.77
CA TYR D 103 -11.45 31.91 -7.00
C TYR D 103 -11.55 31.21 -5.63
N LEU D 104 -10.70 30.20 -5.43
CA LEU D 104 -10.68 29.45 -4.18
C LEU D 104 -9.33 29.61 -3.50
N SER D 105 -8.42 30.36 -4.13
CA SER D 105 -7.07 30.54 -3.59
C SER D 105 -6.67 31.96 -3.19
N SER D 106 -5.54 32.04 -2.51
CA SER D 106 -4.97 33.31 -2.06
C SER D 106 -4.15 33.84 -3.22
N LEU D 107 -3.50 32.91 -3.93
CA LEU D 107 -2.71 33.24 -5.11
C LEU D 107 -3.74 33.49 -6.20
N LYS D 108 -3.65 34.63 -6.87
CA LYS D 108 -4.64 34.97 -7.88
C LYS D 108 -4.19 34.82 -9.33
N SER D 109 -2.99 34.30 -9.53
CA SER D 109 -2.51 34.05 -10.88
C SER D 109 -1.84 32.67 -10.89
N ASN D 110 -2.34 31.81 -11.77
CA ASN D 110 -1.86 30.45 -11.92
C ASN D 110 -0.34 30.36 -12.02
N LEU D 111 0.20 29.24 -11.55
CA LEU D 111 1.66 29.06 -11.61
C LEU D 111 1.98 28.57 -13.02
N ASN D 112 3.27 28.59 -13.38
CA ASN D 112 3.67 28.09 -14.68
C ASN D 112 5.15 27.69 -14.64
N PHE D 113 5.66 27.15 -15.73
CA PHE D 113 7.04 26.68 -15.78
C PHE D 113 8.10 27.78 -15.80
N LYS D 114 9.33 27.38 -15.55
CA LYS D 114 10.43 28.31 -15.53
C LYS D 114 10.84 28.70 -16.94
N ASP D 115 11.05 30.00 -17.15
CA ASP D 115 11.50 30.55 -18.41
C ASP D 115 12.45 31.64 -17.96
N ASN D 116 13.69 31.26 -17.70
CA ASN D 116 14.70 32.16 -17.19
C ASN D 116 14.19 32.57 -15.80
N GLN D 117 13.95 33.87 -15.56
CA GLN D 117 13.50 34.28 -14.24
C GLN D 117 11.99 34.45 -14.16
N ASN D 118 11.29 34.20 -15.27
CA ASN D 118 9.85 34.39 -15.29
C ASN D 118 9.07 33.09 -15.43
N MET D 119 7.74 33.24 -15.39
CA MET D 119 6.84 32.13 -15.59
C MET D 119 6.76 31.97 -17.11
N ALA D 120 6.53 30.75 -17.57
CA ALA D 120 6.45 30.52 -19.00
C ALA D 120 5.15 31.12 -19.52
N THR D 121 5.17 31.50 -20.78
CA THR D 121 3.99 32.03 -21.43
C THR D 121 3.47 30.82 -22.15
N GLY D 122 2.17 30.58 -22.08
CA GLY D 122 1.66 29.42 -22.78
C GLY D 122 0.82 28.52 -21.91
N THR D 123 -0.16 27.90 -22.55
CA THR D 123 -1.08 26.99 -21.86
C THR D 123 -0.33 25.81 -21.24
N ILE D 124 -0.84 25.34 -20.11
CA ILE D 124 -0.24 24.21 -19.40
C ILE D 124 -1.12 22.98 -19.54
N THR D 125 -0.53 21.89 -20.01
CA THR D 125 -1.27 20.66 -20.13
C THR D 125 -0.85 19.87 -18.89
N SER D 126 -1.64 19.97 -17.84
CA SER D 126 -1.36 19.23 -16.61
C SER D 126 -0.01 19.50 -15.91
N ALA D 127 -0.11 19.81 -14.63
CA ALA D 127 1.05 20.04 -13.78
C ALA D 127 0.73 19.15 -12.56
N LYS D 128 -0.05 18.11 -12.81
CA LYS D 128 -0.47 17.14 -11.79
C LYS D 128 0.73 16.57 -11.06
N GLY D 129 1.79 16.28 -11.81
CA GLY D 129 3.01 15.73 -11.24
C GLY D 129 3.67 16.58 -10.17
N PHE D 130 3.28 17.85 -10.04
CA PHE D 130 3.83 18.74 -9.02
C PHE D 130 2.94 18.77 -7.80
N MET D 131 1.81 18.08 -7.86
CA MET D 131 0.86 18.07 -6.76
C MET D 131 1.21 17.15 -5.58
N PRO D 132 0.58 17.40 -4.41
CA PRO D 132 0.84 16.58 -3.22
C PRO D 132 0.11 15.24 -3.37
N SER D 133 0.86 14.15 -3.24
CA SER D 133 0.29 12.80 -3.35
C SER D 133 -0.95 12.59 -2.50
N THR D 134 -2.02 12.10 -3.12
CA THR D 134 -3.23 11.84 -2.36
C THR D 134 -3.10 10.47 -1.66
N THR D 135 -2.03 9.73 -1.96
CA THR D 135 -1.82 8.44 -1.32
C THR D 135 -1.07 8.68 -0.01
N ALA D 136 -0.05 9.52 -0.09
CA ALA D 136 0.74 9.87 1.08
C ALA D 136 -0.06 10.78 1.99
N TYR D 137 -0.69 11.80 1.39
CA TYR D 137 -1.45 12.77 2.16
C TYR D 137 -2.92 12.80 1.74
N PRO D 138 -3.74 11.94 2.34
CA PRO D 138 -5.17 11.85 2.04
C PRO D 138 -6.03 13.06 2.40
N PHE D 139 -7.27 13.01 1.95
CA PHE D 139 -8.27 14.03 2.23
C PHE D 139 -9.19 13.43 3.27
N ILE D 140 -9.74 14.26 4.15
CA ILE D 140 -10.65 13.78 5.17
C ILE D 140 -11.69 12.86 4.54
N THR D 141 -11.85 11.68 5.13
CA THR D 141 -12.80 10.71 4.60
C THR D 141 -13.94 10.38 5.57
N TYR D 142 -13.78 10.75 6.84
CA TYR D 142 -14.85 10.55 7.84
C TYR D 142 -14.81 11.68 8.85
N ALA D 143 -16.01 12.12 9.24
CA ALA D 143 -16.25 13.23 10.17
C ALA D 143 -15.15 13.73 11.11
N THR D 144 -14.79 12.94 12.10
CA THR D 144 -13.78 13.38 13.07
C THR D 144 -12.35 12.90 12.78
N GLU D 145 -11.93 12.95 11.52
CA GLU D 145 -10.60 12.48 11.13
C GLU D 145 -9.51 13.53 11.27
N THR D 146 -8.39 13.14 11.88
CA THR D 146 -7.27 14.06 12.13
C THR D 146 -6.22 14.21 11.02
N LEU D 147 -5.89 13.11 10.34
CA LEU D 147 -4.91 13.13 9.26
C LEU D 147 -3.68 13.99 9.55
N ASN D 148 -3.01 13.71 10.66
CA ASN D 148 -1.82 14.48 11.03
C ASN D 148 -0.58 14.23 10.16
N GLU D 149 -0.64 13.26 9.26
CA GLU D 149 0.51 13.03 8.38
C GLU D 149 0.50 14.11 7.31
N ASP D 150 -0.62 14.83 7.19
CA ASP D 150 -0.76 15.90 6.20
C ASP D 150 -0.08 17.21 6.57
N TYR D 151 0.64 17.25 7.70
CA TYR D 151 1.29 18.49 8.11
C TYR D 151 2.81 18.46 8.11
N ILE D 152 3.40 19.61 7.81
CA ILE D 152 4.85 19.77 7.83
C ILE D 152 5.07 20.99 8.72
N TYR D 153 5.99 20.91 9.67
CA TYR D 153 6.24 22.05 10.52
C TYR D 153 7.69 22.48 10.38
N GLY D 154 7.93 23.76 10.62
CA GLY D 154 9.29 24.27 10.50
C GLY D 154 9.32 25.74 10.86
N GLU D 155 10.44 26.39 10.57
CA GLU D 155 10.57 27.79 10.93
C GLU D 155 11.33 28.66 9.95
N CYS D 156 10.97 29.94 9.94
CA CYS D 156 11.65 30.96 9.14
C CYS D 156 11.57 32.21 10.00
N TYR D 157 12.25 33.29 9.60
CA TYR D 157 12.27 34.48 10.43
C TYR D 157 11.91 35.80 9.77
N TYR D 158 11.68 36.79 10.63
CA TYR D 158 11.36 38.14 10.21
C TYR D 158 12.37 39.05 10.89
N LYS D 159 13.14 39.77 10.08
CA LYS D 159 14.13 40.71 10.57
C LYS D 159 13.45 42.06 10.76
N SER D 160 13.45 42.58 11.99
CA SER D 160 12.80 43.86 12.27
C SER D 160 13.71 45.04 11.92
N THR D 161 13.17 46.24 12.04
CA THR D 161 13.91 47.46 11.76
C THR D 161 15.15 47.61 12.64
N ASN D 162 15.07 47.14 13.88
CA ASN D 162 16.21 47.25 14.79
C ASN D 162 17.27 46.16 14.51
N GLY D 163 16.88 45.15 13.76
CA GLY D 163 17.80 44.08 13.41
C GLY D 163 17.61 42.75 14.16
N THR D 164 16.61 42.67 15.04
CA THR D 164 16.40 41.44 15.80
C THR D 164 15.58 40.44 14.98
N LEU D 165 15.91 39.16 15.11
CA LEU D 165 15.22 38.12 14.37
C LEU D 165 14.08 37.51 15.13
N PHE D 166 12.88 37.60 14.55
CA PHE D 166 11.71 37.02 15.19
C PHE D 166 11.33 35.71 14.52
N PRO D 167 11.24 34.62 15.29
CA PRO D 167 10.89 33.33 14.70
C PRO D 167 9.43 33.27 14.27
N LEU D 168 9.20 32.65 13.11
CA LEU D 168 7.83 32.48 12.61
C LEU D 168 7.59 30.97 12.44
N LYS D 169 6.51 30.47 13.04
CA LYS D 169 6.20 29.05 12.93
C LYS D 169 5.42 28.78 11.66
N VAL D 170 6.01 27.96 10.80
CA VAL D 170 5.42 27.61 9.53
C VAL D 170 4.68 26.29 9.56
N THR D 171 3.48 26.28 9.00
CA THR D 171 2.70 25.06 8.95
C THR D 171 2.16 24.86 7.54
N VAL D 172 2.49 23.71 6.97
CA VAL D 172 2.02 23.38 5.63
C VAL D 172 1.03 22.25 5.75
N THR D 173 -0.18 22.44 5.20
CA THR D 173 -1.20 21.40 5.23
C THR D 173 -1.25 20.84 3.80
N LEU D 174 -0.85 19.58 3.59
CA LEU D 174 -0.85 19.10 2.23
C LEU D 174 -2.26 18.53 2.20
N ASN D 175 -3.04 18.71 1.15
CA ASN D 175 -4.36 18.07 1.22
C ASN D 175 -5.51 18.28 2.17
N ARG D 176 -5.83 17.22 2.91
CA ARG D 176 -6.87 17.21 3.92
C ARG D 176 -8.25 17.74 3.61
N ARG D 177 -8.43 19.05 3.53
CA ARG D 177 -9.76 19.60 3.27
C ARG D 177 -10.09 19.96 1.83
N MET D 178 -11.15 19.34 1.31
CA MET D 178 -11.59 19.60 -0.05
C MET D 178 -12.62 20.71 0.01
N LEU D 179 -12.44 21.73 -0.83
CA LEU D 179 -13.32 22.89 -0.84
C LEU D 179 -14.45 22.91 -1.86
N ALA D 180 -14.18 22.48 -3.09
CA ALA D 180 -15.21 22.49 -4.12
C ALA D 180 -15.12 21.30 -5.05
N SER D 181 -16.20 21.07 -5.79
CA SER D 181 -16.27 19.96 -6.73
C SER D 181 -15.14 19.94 -7.76
N GLY D 182 -14.57 21.11 -8.08
CA GLY D 182 -13.50 21.15 -9.07
C GLY D 182 -12.11 21.01 -8.46
N MET D 183 -12.03 21.08 -7.14
CA MET D 183 -10.75 20.98 -6.45
C MET D 183 -10.29 19.53 -6.37
N ALA D 184 -9.00 19.30 -6.60
CA ALA D 184 -8.43 17.96 -6.57
C ALA D 184 -7.25 17.85 -5.60
N TYR D 185 -6.60 18.97 -5.32
CA TYR D 185 -5.46 19.03 -4.40
C TYR D 185 -5.48 20.35 -3.60
N ALA D 186 -4.84 20.35 -2.43
CA ALA D 186 -4.79 21.57 -1.60
C ALA D 186 -3.37 21.80 -1.12
N MET D 187 -3.08 23.02 -0.69
CA MET D 187 -1.74 23.32 -0.18
C MET D 187 -1.85 24.64 0.56
N ASN D 188 -1.84 24.56 1.90
CA ASN D 188 -1.96 25.74 2.75
C ASN D 188 -0.69 26.04 3.51
N PHE D 189 -0.39 27.33 3.63
CA PHE D 189 0.78 27.79 4.33
C PHE D 189 0.32 28.76 5.40
N SER D 190 0.96 28.70 6.55
CA SER D 190 0.61 29.60 7.65
C SER D 190 1.87 29.95 8.37
N TRP D 191 2.08 31.26 8.54
CA TRP D 191 3.23 31.79 9.25
C TRP D 191 2.66 32.30 10.57
N SER D 192 3.32 32.00 11.67
CA SER D 192 2.79 32.41 12.95
C SER D 192 3.81 33.13 13.83
N LEU D 193 3.47 34.35 14.23
CA LEU D 193 4.33 35.16 15.09
C LEU D 193 3.69 35.18 16.49
N ASN D 194 4.54 35.07 17.51
CA ASN D 194 4.05 35.10 18.88
C ASN D 194 5.21 35.55 19.76
N ALA D 195 5.48 36.85 19.71
CA ALA D 195 6.59 37.43 20.46
C ALA D 195 6.11 38.19 21.69
N GLU D 196 7.06 38.51 22.56
CA GLU D 196 6.79 39.25 23.79
C GLU D 196 6.09 40.55 23.43
N GLU D 197 6.67 41.26 22.46
CA GLU D 197 6.13 42.54 22.03
C GLU D 197 6.25 42.69 20.52
N ALA D 198 5.30 43.41 19.92
CA ALA D 198 5.29 43.65 18.48
C ALA D 198 6.69 43.99 17.99
N PRO D 199 7.11 43.41 16.86
CA PRO D 199 8.44 43.65 16.29
C PRO D 199 8.60 45.07 15.74
N GLU D 200 7.51 45.64 15.24
CA GLU D 200 7.53 46.98 14.63
C GLU D 200 6.58 48.02 15.22
N THR D 201 6.86 49.28 14.92
CA THR D 201 6.06 50.43 15.39
C THR D 201 5.48 51.18 14.20
N THR D 202 6.10 51.02 13.04
CA THR D 202 5.66 51.71 11.83
C THR D 202 5.23 50.73 10.75
N GLU D 203 4.95 51.28 9.57
CA GLU D 203 4.58 50.47 8.42
C GLU D 203 5.89 50.09 7.77
N VAL D 204 6.26 48.82 7.89
CA VAL D 204 7.50 48.30 7.31
C VAL D 204 7.15 47.12 6.40
N THR D 205 7.97 46.87 5.40
CA THR D 205 7.68 45.79 4.49
C THR D 205 7.78 44.42 5.18
N LEU D 206 6.67 43.67 5.11
CA LEU D 206 6.62 42.33 5.70
C LEU D 206 7.42 41.37 4.82
N ILE D 207 8.53 40.86 5.36
CA ILE D 207 9.39 39.93 4.64
C ILE D 207 9.65 38.67 5.46
N THR D 208 9.25 37.52 4.92
CA THR D 208 9.48 36.25 5.59
C THR D 208 10.68 35.55 4.94
N SER D 209 11.67 35.17 5.75
CA SER D 209 12.86 34.49 5.21
C SER D 209 12.46 33.18 4.51
N PRO D 210 13.27 32.75 3.55
CA PRO D 210 13.01 31.50 2.80
C PRO D 210 12.66 30.28 3.66
N PHE D 211 11.57 29.60 3.32
CA PHE D 211 11.21 28.38 4.03
C PHE D 211 11.41 27.23 3.04
N PHE D 212 12.10 26.17 3.47
CA PHE D 212 12.38 25.02 2.62
C PHE D 212 11.55 23.84 3.06
N PHE D 213 11.11 23.02 2.11
CA PHE D 213 10.31 21.85 2.45
C PHE D 213 10.26 20.85 1.31
N SER D 214 9.74 19.65 1.61
CA SER D 214 9.62 18.58 0.62
C SER D 214 8.39 17.74 0.89
N TYR D 215 7.96 17.00 -0.11
CA TYR D 215 6.80 16.13 0.04
C TYR D 215 6.73 15.09 -1.07
N ILE D 216 5.90 14.07 -0.85
CA ILE D 216 5.74 13.00 -1.83
C ILE D 216 4.79 13.51 -2.92
N ARG D 217 5.24 13.44 -4.17
CA ARG D 217 4.42 13.94 -5.26
C ARG D 217 3.49 12.95 -5.92
N GLU D 218 2.40 13.51 -6.46
CA GLU D 218 1.40 12.74 -7.18
C GLU D 218 2.05 12.27 -8.49
N ASP D 219 1.50 11.24 -9.11
CA ASP D 219 2.03 10.76 -10.38
C ASP D 219 1.63 11.70 -11.53
N ASP D 220 2.53 11.85 -12.49
CA ASP D 220 2.28 12.70 -13.66
C ASP D 220 0.94 12.35 -14.31
N ILE E 25 32.40 12.76 -14.58
CA ILE E 25 32.22 14.23 -14.34
C ILE E 25 30.76 14.67 -14.49
N GLU E 26 30.20 15.22 -13.40
CA GLU E 26 28.82 15.69 -13.39
C GLU E 26 28.82 17.21 -13.27
N ASN E 27 28.47 17.88 -14.37
CA ASN E 27 28.47 19.35 -14.39
C ASN E 27 27.23 20.02 -13.78
N ASN E 28 26.38 19.23 -13.12
CA ASN E 28 25.19 19.75 -12.48
C ASN E 28 25.53 20.01 -11.00
N THR E 29 26.78 19.76 -10.64
CA THR E 29 27.26 19.92 -9.27
C THR E 29 28.52 20.77 -9.25
N LEU E 30 28.54 21.80 -8.42
CA LEU E 30 29.72 22.66 -8.29
C LEU E 30 30.08 22.51 -6.82
N TRP E 31 31.30 22.05 -6.53
CA TRP E 31 31.69 21.86 -5.14
C TRP E 31 33.18 21.95 -4.84
N THR E 32 33.49 21.72 -3.57
CA THR E 32 34.87 21.74 -3.08
C THR E 32 35.40 20.33 -3.10
N GLY E 33 34.52 19.39 -3.43
CA GLY E 33 34.88 17.98 -3.45
C GLY E 33 34.56 17.42 -2.07
N ALA E 34 34.16 16.16 -1.98
CA ALA E 34 33.85 15.59 -0.67
C ALA E 34 35.16 15.55 0.12
N LYS E 35 35.09 15.89 1.41
CA LYS E 35 36.29 15.90 2.26
C LYS E 35 37.57 16.49 1.64
N PRO E 36 37.64 17.82 1.54
CA PRO E 36 38.81 18.49 0.96
C PRO E 36 39.89 18.79 2.00
N SER E 37 41.04 19.26 1.52
CA SER E 37 42.16 19.63 2.39
C SER E 37 41.83 20.98 3.02
N ALA E 38 42.86 21.67 3.50
CA ALA E 38 42.66 22.99 4.06
C ALA E 38 42.49 23.86 2.82
N ASN E 39 41.37 24.57 2.74
CA ASN E 39 41.09 25.40 1.58
C ASN E 39 40.41 26.71 1.91
N CYS E 40 40.27 27.00 3.20
CA CYS E 40 39.59 28.20 3.63
C CYS E 40 40.35 28.96 4.73
N VAL E 41 40.15 30.28 4.81
CA VAL E 41 40.80 31.10 5.83
C VAL E 41 39.74 31.76 6.70
N ILE E 42 39.68 31.39 7.97
CA ILE E 42 38.65 31.96 8.85
C ILE E 42 39.18 33.00 9.83
N LYS E 43 40.49 33.18 9.85
CA LYS E 43 41.11 34.15 10.77
C LYS E 43 41.35 35.51 10.13
N GLU E 44 40.92 36.56 10.81
CA GLU E 44 41.08 37.94 10.36
C GLU E 44 42.45 38.21 9.74
N GLY E 45 42.44 38.72 8.52
CA GLY E 45 43.67 39.07 7.83
C GLY E 45 44.75 38.01 7.61
N GLU E 46 44.36 36.81 7.21
CA GLU E 46 45.33 35.74 6.96
C GLU E 46 45.15 35.27 5.52
N ASP E 47 46.26 34.91 4.88
CA ASP E 47 46.22 34.46 3.49
C ASP E 47 46.27 32.95 3.34
N SER E 48 46.84 32.27 4.31
CA SER E 48 46.95 30.82 4.26
C SER E 48 45.78 30.10 4.93
N PRO E 49 45.29 29.01 4.32
CA PRO E 49 44.17 28.22 4.84
C PRO E 49 44.38 27.76 6.28
N ASP E 50 43.30 27.70 7.04
CA ASP E 50 43.36 27.28 8.44
C ASP E 50 42.15 26.43 8.83
N CYS E 51 41.41 25.97 7.82
CA CYS E 51 40.24 25.13 8.03
C CYS E 51 39.80 24.48 6.71
N LYS E 52 38.81 23.58 6.80
CA LYS E 52 38.33 22.86 5.64
C LYS E 52 36.88 23.16 5.31
N LEU E 53 36.65 23.88 4.21
CA LEU E 53 35.29 24.20 3.80
C LEU E 53 34.75 23.22 2.79
N THR E 54 33.63 22.58 3.14
CA THR E 54 33.00 21.64 2.24
C THR E 54 31.71 22.29 1.79
N LEU E 55 31.69 22.76 0.55
CA LEU E 55 30.51 23.40 -0.02
C LEU E 55 30.08 22.64 -1.27
N VAL E 56 28.82 22.22 -1.29
CA VAL E 56 28.27 21.50 -2.43
C VAL E 56 27.03 22.28 -2.94
N LEU E 57 26.98 22.54 -4.24
CA LEU E 57 25.86 23.26 -4.86
C LEU E 57 25.40 22.45 -6.06
N VAL E 58 24.14 22.04 -6.03
CA VAL E 58 23.56 21.23 -7.09
C VAL E 58 22.39 21.93 -7.77
N LYS E 59 22.44 21.98 -9.10
CA LYS E 59 21.35 22.58 -9.86
C LYS E 59 20.14 21.70 -9.70
N ASN E 60 18.98 22.29 -9.45
CA ASN E 60 17.77 21.50 -9.29
C ASN E 60 16.59 22.35 -9.74
N GLY E 61 16.34 22.34 -11.06
CA GLY E 61 15.26 23.13 -11.63
C GLY E 61 15.62 24.59 -11.44
N GLY E 62 14.65 25.42 -11.07
CA GLY E 62 14.93 26.82 -10.87
C GLY E 62 15.71 27.12 -9.60
N LEU E 63 15.97 26.08 -8.80
CA LEU E 63 16.71 26.25 -7.56
C LEU E 63 18.07 25.60 -7.55
N ILE E 64 18.82 25.93 -6.50
CA ILE E 64 20.13 25.37 -6.23
C ILE E 64 20.00 24.75 -4.83
N ASN E 65 20.26 23.44 -4.71
CA ASN E 65 20.21 22.78 -3.40
C ASN E 65 21.64 22.83 -2.90
N GLY E 66 21.83 23.39 -1.71
CA GLY E 66 23.16 23.53 -1.14
C GLY E 66 23.42 22.79 0.18
N TYR E 67 24.71 22.52 0.40
CA TYR E 67 25.19 21.78 1.56
C TYR E 67 26.53 22.41 1.97
N ILE E 68 26.70 22.69 3.26
CA ILE E 68 27.97 23.28 3.68
C ILE E 68 28.35 22.85 5.09
N THR E 69 29.65 22.67 5.30
CA THR E 69 30.15 22.24 6.60
C THR E 69 31.57 22.74 6.82
N LEU E 70 31.91 22.98 8.08
CA LEU E 70 33.25 23.44 8.43
C LEU E 70 33.97 22.43 9.30
N MET E 71 35.29 22.45 9.21
CA MET E 71 36.16 21.59 10.02
C MET E 71 37.47 22.32 10.26
N GLY E 72 37.75 22.57 11.54
CA GLY E 72 38.96 23.29 11.91
C GLY E 72 40.21 22.56 11.45
N ALA E 73 41.30 23.30 11.30
CA ALA E 73 42.55 22.71 10.85
C ALA E 73 43.75 23.52 11.33
N SER E 74 43.52 24.35 12.35
CA SER E 74 44.58 25.18 12.92
C SER E 74 44.36 25.31 14.42
N GLU E 75 45.38 25.77 15.13
CA GLU E 75 45.27 25.94 16.58
C GLU E 75 44.25 27.03 16.87
N TYR E 76 44.29 28.09 16.07
CA TYR E 76 43.36 29.22 16.23
C TYR E 76 41.90 28.83 16.07
N THR E 77 41.60 28.08 15.01
CA THR E 77 40.23 27.67 14.75
C THR E 77 39.70 26.70 15.79
N ASN E 78 40.57 25.83 16.29
CA ASN E 78 40.18 24.83 17.27
C ASN E 78 40.24 25.32 18.73
N THR E 79 40.43 26.62 18.89
CA THR E 79 40.49 27.25 20.21
C THR E 79 39.31 28.21 20.34
N LEU E 80 38.71 28.55 19.20
CA LEU E 80 37.58 29.47 19.14
C LEU E 80 36.48 29.13 20.12
N PHE E 81 36.18 27.84 20.26
CA PHE E 81 35.12 27.44 21.16
C PHE E 81 35.50 27.30 22.63
N LYS E 82 36.57 27.98 23.02
CA LYS E 82 36.99 28.01 24.41
C LYS E 82 36.29 29.22 25.02
N ASN E 83 35.55 29.94 24.17
CA ASN E 83 34.76 31.11 24.58
C ASN E 83 33.29 30.78 24.35
N ASN E 84 32.39 31.52 25.00
CA ASN E 84 30.96 31.25 24.85
C ASN E 84 30.27 32.11 23.78
N GLN E 85 31.01 33.04 23.17
CA GLN E 85 30.46 33.92 22.15
C GLN E 85 31.41 34.02 20.98
N VAL E 86 31.03 33.37 19.88
CA VAL E 86 31.86 33.36 18.68
C VAL E 86 31.01 33.46 17.42
N THR E 87 31.58 34.07 16.39
CA THR E 87 30.93 34.20 15.10
C THR E 87 31.99 33.90 14.05
N ILE E 88 31.70 32.95 13.17
CA ILE E 88 32.63 32.57 12.13
C ILE E 88 32.10 33.02 10.78
N ASP E 89 32.95 33.68 9.98
CA ASP E 89 32.50 34.17 8.69
C ASP E 89 33.24 33.61 7.49
N VAL E 90 32.47 33.09 6.55
CA VAL E 90 33.03 32.56 5.32
C VAL E 90 32.41 33.42 4.21
N ASN E 91 33.24 34.19 3.54
CA ASN E 91 32.76 35.07 2.49
C ASN E 91 33.23 34.62 1.12
N LEU E 92 32.27 34.44 0.22
CA LEU E 92 32.57 34.00 -1.14
C LEU E 92 32.13 35.04 -2.17
N ALA E 93 33.05 35.43 -3.04
CA ALA E 93 32.77 36.40 -4.10
C ALA E 93 33.11 35.79 -5.45
N PHE E 94 32.17 35.84 -6.39
CA PHE E 94 32.38 35.29 -7.72
C PHE E 94 32.37 36.38 -8.79
N ASP E 95 32.95 36.08 -9.95
CA ASP E 95 32.98 37.03 -11.05
C ASP E 95 31.74 36.76 -11.92
N ASN E 96 31.71 37.35 -13.12
CA ASN E 96 30.55 37.18 -14.00
C ASN E 96 30.32 35.78 -14.56
N THR E 97 31.30 34.88 -14.46
CA THR E 97 31.09 33.51 -14.93
C THR E 97 30.98 32.54 -13.75
N GLY E 98 30.86 33.08 -12.54
CA GLY E 98 30.73 32.26 -11.36
C GLY E 98 31.99 31.62 -10.82
N GLN E 99 33.14 32.23 -11.11
CA GLN E 99 34.43 31.72 -10.62
C GLN E 99 34.82 32.49 -9.35
N ILE E 100 35.39 31.79 -8.38
CA ILE E 100 35.79 32.43 -7.14
C ILE E 100 36.88 33.49 -7.34
N ILE E 101 36.76 34.58 -6.60
CA ILE E 101 37.74 35.65 -6.64
C ILE E 101 38.50 35.45 -5.33
N THR E 102 39.44 34.51 -5.36
CA THR E 102 40.22 34.14 -4.20
C THR E 102 40.72 35.27 -3.30
N TYR E 103 41.21 36.36 -3.90
CA TYR E 103 41.72 37.46 -3.09
C TYR E 103 40.64 38.17 -2.29
N LEU E 104 39.38 37.96 -2.66
CA LEU E 104 38.24 38.57 -2.00
C LEU E 104 37.46 37.59 -1.14
N SER E 105 37.66 36.30 -1.38
CA SER E 105 36.93 35.26 -0.66
C SER E 105 37.73 34.55 0.40
N SER E 106 37.02 33.81 1.25
CA SER E 106 37.65 33.04 2.32
C SER E 106 38.20 31.76 1.68
N LEU E 107 37.44 31.23 0.73
CA LEU E 107 37.83 30.02 0.01
C LEU E 107 38.98 30.39 -0.91
N LYS E 108 40.16 29.80 -0.68
CA LYS E 108 41.32 30.16 -1.50
C LYS E 108 41.61 29.27 -2.71
N SER E 109 40.77 28.27 -2.94
CA SER E 109 40.93 27.40 -4.11
C SER E 109 39.58 27.47 -4.84
N ASN E 110 39.62 27.44 -6.17
CA ASN E 110 38.38 27.53 -6.93
C ASN E 110 37.55 26.25 -6.91
N LEU E 111 36.23 26.41 -6.93
CA LEU E 111 35.30 25.28 -6.93
C LEU E 111 35.35 24.69 -8.34
N ASN E 112 34.85 23.48 -8.49
CA ASN E 112 34.84 22.85 -9.81
C ASN E 112 33.73 21.80 -9.82
N PHE E 113 33.57 21.09 -10.94
CA PHE E 113 32.50 20.10 -11.01
C PHE E 113 32.83 18.79 -10.30
N LYS E 114 31.81 17.95 -10.14
CA LYS E 114 31.98 16.67 -9.49
C LYS E 114 32.67 15.63 -10.37
N ASP E 115 33.81 15.14 -9.90
CA ASP E 115 34.58 14.10 -10.58
C ASP E 115 34.66 13.00 -9.50
N ASN E 116 33.59 12.23 -9.41
CA ASN E 116 33.46 11.18 -8.40
C ASN E 116 33.43 11.86 -7.03
N GLN E 117 34.53 11.81 -6.29
CA GLN E 117 34.56 12.42 -4.96
C GLN E 117 35.43 13.66 -4.94
N ASN E 118 36.07 13.94 -6.07
CA ASN E 118 36.97 15.08 -6.18
C ASN E 118 36.44 16.16 -7.11
N MET E 119 37.16 17.28 -7.15
CA MET E 119 36.80 18.37 -8.06
C MET E 119 37.37 17.93 -9.39
N ALA E 120 36.67 18.22 -10.48
CA ALA E 120 37.18 17.86 -11.81
C ALA E 120 38.36 18.77 -12.13
N THR E 121 39.17 18.38 -13.10
CA THR E 121 40.32 19.18 -13.49
C THR E 121 40.04 19.93 -14.79
N GLY E 122 40.54 21.15 -14.89
CA GLY E 122 40.33 21.93 -16.09
C GLY E 122 39.66 23.27 -15.82
N THR E 123 39.48 24.06 -16.87
CA THR E 123 38.86 25.38 -16.77
C THR E 123 37.36 25.31 -16.95
N ILE E 124 36.65 25.97 -16.05
CA ILE E 124 35.20 26.00 -16.10
C ILE E 124 34.72 27.20 -16.91
N THR E 125 34.19 26.96 -18.09
CA THR E 125 33.70 28.06 -18.90
C THR E 125 32.29 28.36 -18.38
N SER E 126 32.23 29.24 -17.38
CA SER E 126 30.97 29.66 -16.76
C SER E 126 30.31 28.69 -15.79
N ALA E 127 29.98 29.24 -14.62
CA ALA E 127 29.31 28.52 -13.54
C ALA E 127 28.18 29.47 -13.13
N LYS E 128 27.88 30.38 -14.05
CA LYS E 128 26.84 31.40 -13.88
C LYS E 128 25.52 30.80 -13.39
N GLY E 129 25.13 29.66 -13.97
CA GLY E 129 23.90 28.99 -13.59
C GLY E 129 23.84 28.45 -12.16
N PHE E 130 24.94 28.52 -11.40
CA PHE E 130 24.95 28.05 -10.00
C PHE E 130 24.88 29.25 -9.05
N MET E 131 24.98 30.45 -9.61
CA MET E 131 24.97 31.67 -8.80
C MET E 131 23.58 32.09 -8.32
N PRO E 132 23.53 32.86 -7.23
CA PRO E 132 22.25 33.34 -6.67
C PRO E 132 21.68 34.35 -7.67
N SER E 133 20.39 34.24 -7.99
CA SER E 133 19.76 35.15 -8.93
C SER E 133 19.78 36.63 -8.53
N THR E 134 20.33 37.48 -9.42
CA THR E 134 20.39 38.91 -9.12
C THR E 134 18.99 39.52 -9.19
N THR E 135 18.03 38.74 -9.69
CA THR E 135 16.64 39.19 -9.81
C THR E 135 15.89 38.92 -8.51
N ALA E 136 16.12 37.76 -7.90
CA ALA E 136 15.47 37.44 -6.64
C ALA E 136 16.24 38.09 -5.50
N TYR E 137 17.56 38.11 -5.62
CA TYR E 137 18.44 38.67 -4.60
C TYR E 137 19.24 39.81 -5.22
N PRO E 138 18.74 41.05 -5.12
CA PRO E 138 19.45 42.20 -5.69
C PRO E 138 20.66 42.68 -4.92
N PHE E 139 21.39 43.60 -5.52
CA PHE E 139 22.55 44.20 -4.86
C PHE E 139 22.10 45.58 -4.40
N ILE E 140 22.81 46.11 -3.42
CA ILE E 140 22.49 47.43 -2.87
C ILE E 140 22.63 48.54 -3.92
N THR E 141 21.54 49.27 -4.12
CA THR E 141 21.49 50.36 -5.07
C THR E 141 21.67 51.73 -4.45
N TYR E 142 21.22 51.88 -3.20
CA TYR E 142 21.34 53.14 -2.49
C TYR E 142 21.82 53.03 -1.04
N ALA E 143 22.14 54.18 -0.48
CA ALA E 143 22.67 54.32 0.87
C ALA E 143 21.99 53.58 2.04
N THR E 144 20.70 53.82 2.23
CA THR E 144 20.00 53.22 3.36
C THR E 144 19.40 51.81 3.13
N GLU E 145 19.37 51.38 1.88
CA GLU E 145 18.79 50.08 1.51
C GLU E 145 19.10 48.90 2.42
N THR E 146 18.05 48.19 2.82
CA THR E 146 18.16 47.04 3.70
C THR E 146 18.23 45.72 2.93
N LEU E 147 17.38 45.55 1.92
CA LEU E 147 17.36 44.33 1.12
C LEU E 147 17.36 43.05 1.99
N ASN E 148 16.37 42.95 2.87
CA ASN E 148 16.28 41.80 3.76
C ASN E 148 15.90 40.48 3.10
N GLU E 149 15.42 40.50 1.85
CA GLU E 149 15.05 39.28 1.14
C GLU E 149 16.30 38.52 0.75
N ASP E 150 17.46 39.15 0.90
CA ASP E 150 18.72 38.51 0.55
C ASP E 150 19.30 37.60 1.64
N TYR E 151 18.56 37.39 2.72
CA TYR E 151 19.06 36.55 3.81
C TYR E 151 18.31 35.25 4.05
N ILE E 152 19.07 34.22 4.36
CA ILE E 152 18.53 32.91 4.71
C ILE E 152 19.00 32.68 6.14
N TYR E 153 18.08 32.31 7.02
CA TYR E 153 18.43 32.04 8.41
C TYR E 153 18.06 30.58 8.75
N GLY E 154 18.96 29.90 9.45
CA GLY E 154 18.72 28.52 9.81
C GLY E 154 19.58 28.11 10.99
N GLU E 155 19.76 26.81 11.17
CA GLU E 155 20.56 26.35 12.31
C GLU E 155 21.29 25.03 12.10
N CYS E 156 22.45 24.90 12.74
CA CYS E 156 23.24 23.66 12.71
C CYS E 156 23.87 23.51 14.11
N TYR E 157 24.76 22.54 14.31
CA TYR E 157 25.31 22.35 15.65
C TYR E 157 26.78 21.98 15.80
N TYR E 158 27.27 22.14 17.03
CA TYR E 158 28.63 21.79 17.37
C TYR E 158 28.50 20.81 18.54
N LYS E 159 29.19 19.67 18.43
CA LYS E 159 29.14 18.66 19.49
C LYS E 159 30.40 18.76 20.35
N SER E 160 30.23 19.11 21.63
CA SER E 160 31.37 19.25 22.54
C SER E 160 31.98 17.91 22.92
N THR E 161 33.15 17.97 23.56
CA THR E 161 33.87 16.78 24.00
C THR E 161 33.07 15.92 24.95
N ASN E 162 32.03 16.48 25.58
CA ASN E 162 31.21 15.71 26.51
C ASN E 162 29.82 15.38 25.95
N GLY E 163 29.70 15.44 24.63
CA GLY E 163 28.43 15.11 23.99
C GLY E 163 27.32 16.15 23.89
N THR E 164 27.44 17.28 24.59
CA THR E 164 26.37 18.30 24.49
C THR E 164 26.38 19.05 23.15
N LEU E 165 25.19 19.26 22.61
CA LEU E 165 25.01 19.94 21.33
C LEU E 165 24.78 21.45 21.45
N PHE E 166 25.74 22.24 20.95
CA PHE E 166 25.59 23.69 20.98
C PHE E 166 25.00 24.17 19.65
N PRO E 167 23.82 24.82 19.71
CA PRO E 167 23.15 25.35 18.51
C PRO E 167 23.91 26.52 17.90
N LEU E 168 24.12 26.46 16.59
CA LEU E 168 24.82 27.52 15.87
C LEU E 168 23.86 28.18 14.89
N LYS E 169 23.55 29.45 15.12
CA LYS E 169 22.65 30.18 14.23
C LYS E 169 23.42 30.49 12.96
N VAL E 170 22.87 30.04 11.84
CA VAL E 170 23.50 30.26 10.53
C VAL E 170 22.79 31.36 9.74
N THR E 171 23.58 32.20 9.09
CA THR E 171 23.05 33.27 8.26
C THR E 171 23.75 33.25 6.92
N VAL E 172 22.97 33.21 5.84
CA VAL E 172 23.52 33.22 4.49
C VAL E 172 23.08 34.53 3.83
N THR E 173 24.03 35.25 3.24
CA THR E 173 23.71 36.49 2.55
C THR E 173 23.92 36.26 1.06
N LEU E 174 22.84 36.38 0.29
CA LEU E 174 22.93 36.19 -1.15
C LEU E 174 23.14 37.54 -1.84
N ASN E 175 24.29 37.71 -2.46
CA ASN E 175 24.66 38.94 -3.15
C ASN E 175 24.66 40.15 -2.21
N ARG E 176 23.81 41.12 -2.51
CA ARG E 176 23.69 42.33 -1.71
C ARG E 176 24.82 43.34 -1.79
N ARG E 177 26.01 42.95 -1.36
CA ARG E 177 27.13 43.87 -1.40
C ARG E 177 28.23 43.44 -2.35
N MET E 178 28.68 44.39 -3.15
CA MET E 178 29.75 44.14 -4.10
C MET E 178 30.97 44.85 -3.53
N LEU E 179 32.14 44.27 -3.70
CA LEU E 179 33.35 44.85 -3.12
C LEU E 179 34.40 45.29 -4.13
N ALA E 180 34.29 44.85 -5.37
CA ALA E 180 35.26 45.22 -6.39
C ALA E 180 34.60 45.28 -7.76
N SER E 181 35.23 45.99 -8.70
CA SER E 181 34.65 46.13 -10.03
C SER E 181 34.37 44.82 -10.76
N GLY E 182 35.24 43.82 -10.58
CA GLY E 182 35.03 42.55 -11.26
C GLY E 182 34.09 41.57 -10.57
N MET E 183 33.62 41.91 -9.38
CA MET E 183 32.73 41.05 -8.62
C MET E 183 31.32 41.12 -9.16
N ALA E 184 30.71 39.95 -9.41
CA ALA E 184 29.36 39.89 -9.94
C ALA E 184 28.34 39.18 -9.03
N TYR E 185 28.82 38.34 -8.11
CA TYR E 185 27.93 37.64 -7.18
C TYR E 185 28.57 37.44 -5.81
N ALA E 186 27.72 37.23 -4.81
CA ALA E 186 28.21 37.02 -3.45
C ALA E 186 27.36 35.99 -2.71
N MET E 187 28.04 35.23 -1.86
CA MET E 187 27.38 34.21 -1.06
C MET E 187 28.18 34.15 0.24
N ASN E 188 27.62 34.69 1.31
CA ASN E 188 28.32 34.71 2.58
C ASN E 188 27.67 33.85 3.65
N PHE E 189 28.52 33.20 4.45
CA PHE E 189 28.03 32.35 5.54
C PHE E 189 28.56 32.78 6.91
N SER E 190 27.66 32.76 7.89
CA SER E 190 28.04 33.12 9.24
C SER E 190 27.47 32.14 10.25
N TRP E 191 28.33 31.68 11.16
CA TRP E 191 27.96 30.76 12.22
C TRP E 191 28.14 31.52 13.51
N SER E 192 27.08 31.56 14.31
CA SER E 192 27.13 32.27 15.57
C SER E 192 26.89 31.38 16.80
N LEU E 193 27.86 31.36 17.71
CA LEU E 193 27.79 30.59 18.95
C LEU E 193 27.57 31.56 20.11
N ASN E 194 26.46 31.40 20.81
CA ASN E 194 26.17 32.24 21.96
C ASN E 194 25.59 31.36 23.07
N ALA E 195 26.47 30.75 23.86
CA ALA E 195 26.07 29.86 24.94
C ALA E 195 26.34 30.35 26.36
N GLU E 196 25.64 29.75 27.33
CA GLU E 196 25.79 30.10 28.74
C GLU E 196 27.26 30.08 29.12
N GLU E 197 28.00 29.14 28.57
CA GLU E 197 29.42 29.01 28.85
C GLU E 197 30.11 28.31 27.68
N ALA E 198 31.43 28.46 27.59
CA ALA E 198 32.22 27.87 26.52
C ALA E 198 32.08 26.36 26.37
N PRO E 199 31.98 25.88 25.12
CA PRO E 199 31.86 24.46 24.75
C PRO E 199 33.08 23.63 25.13
N GLU E 200 34.28 24.17 24.91
CA GLU E 200 35.50 23.46 25.21
C GLU E 200 36.44 24.22 26.13
N THR E 201 37.47 23.51 26.61
CA THR E 201 38.49 24.09 27.47
C THR E 201 39.84 23.71 26.86
N THR E 202 39.79 22.88 25.83
CA THR E 202 41.00 22.41 25.15
C THR E 202 40.94 22.64 23.64
N GLU E 203 42.02 22.29 22.96
CA GLU E 203 42.09 22.43 21.52
C GLU E 203 41.34 21.25 20.89
N VAL E 204 40.11 21.49 20.48
CA VAL E 204 39.27 20.46 19.89
C VAL E 204 38.90 20.80 18.44
N THR E 205 39.10 19.82 17.55
CA THR E 205 38.77 20.02 16.15
C THR E 205 37.39 20.64 15.99
N LEU E 206 37.34 21.82 15.36
CA LEU E 206 36.08 22.53 15.15
C LEU E 206 35.29 21.88 14.01
N ILE E 207 34.06 21.50 14.30
CA ILE E 207 33.24 20.85 13.30
C ILE E 207 31.78 21.32 13.39
N THR E 208 31.27 21.89 12.30
CA THR E 208 29.88 22.34 12.25
C THR E 208 29.10 21.25 11.53
N SER E 209 27.92 20.90 12.04
CA SER E 209 27.16 19.86 11.36
C SER E 209 26.64 20.45 10.05
N PRO E 210 26.34 19.59 9.08
CA PRO E 210 25.84 20.03 7.77
C PRO E 210 24.63 20.97 7.80
N PHE E 211 24.76 22.12 7.13
CA PHE E 211 23.66 23.06 7.04
C PHE E 211 23.10 22.96 5.61
N PHE E 212 21.79 22.77 5.50
CA PHE E 212 21.12 22.65 4.20
C PHE E 212 20.39 23.96 3.84
N PHE E 213 20.37 24.28 2.54
CA PHE E 213 19.70 25.50 2.07
C PHE E 213 19.44 25.49 0.56
N SER E 214 18.48 26.32 0.13
CA SER E 214 18.12 26.46 -1.28
C SER E 214 17.98 27.94 -1.61
N TYR E 215 18.09 28.27 -2.90
CA TYR E 215 17.92 29.63 -3.37
C TYR E 215 17.63 29.62 -4.86
N ILE E 216 16.93 30.67 -5.32
CA ILE E 216 16.58 30.84 -6.72
C ILE E 216 17.89 31.07 -7.43
N ARG E 217 18.13 30.30 -8.49
CA ARG E 217 19.39 30.46 -9.20
C ARG E 217 19.39 31.37 -10.42
N GLU E 218 20.55 31.93 -10.70
CA GLU E 218 20.79 32.81 -11.84
C GLU E 218 20.69 31.94 -13.10
N ASP E 219 20.44 32.58 -14.24
CA ASP E 219 20.34 31.85 -15.49
C ASP E 219 21.72 31.50 -16.00
N ASP E 220 21.83 30.37 -16.69
CA ASP E 220 23.12 29.92 -17.21
C ASP E 220 23.61 30.94 -18.22
N ILE F 25 9.03 3.71 -14.05
CA ILE F 25 10.07 3.49 -13.01
C ILE F 25 11.16 4.57 -13.02
N GLU F 26 11.31 5.25 -11.87
CA GLU F 26 12.31 6.31 -11.72
C GLU F 26 13.43 5.84 -10.81
N ASN F 27 14.49 5.34 -11.45
CA ASN F 27 15.67 4.81 -10.76
C ASN F 27 16.58 5.87 -10.13
N ASN F 28 16.06 7.06 -9.89
CA ASN F 28 16.85 8.11 -9.25
C ASN F 28 16.26 8.29 -7.85
N THR F 29 15.26 7.45 -7.58
CA THR F 29 14.57 7.45 -6.30
C THR F 29 14.60 6.05 -5.66
N LEU F 30 15.21 5.97 -4.49
CA LEU F 30 15.28 4.71 -3.72
C LEU F 30 14.42 5.00 -2.50
N TRP F 31 13.25 4.39 -2.45
CA TRP F 31 12.33 4.63 -1.36
C TRP F 31 11.61 3.37 -0.86
N THR F 32 10.76 3.55 0.17
CA THR F 32 10.00 2.46 0.76
C THR F 32 8.61 2.48 0.16
N GLY F 33 8.38 3.46 -0.72
CA GLY F 33 7.09 3.62 -1.35
C GLY F 33 6.25 4.62 -0.55
N ALA F 34 5.27 5.24 -1.21
CA ALA F 34 4.40 6.18 -0.52
C ALA F 34 3.56 5.32 0.41
N LYS F 35 3.13 5.88 1.53
CA LYS F 35 2.31 5.15 2.52
C LYS F 35 2.51 3.62 2.65
N PRO F 36 3.66 3.18 3.16
CA PRO F 36 3.84 1.72 3.29
C PRO F 36 3.14 1.06 4.47
N SER F 37 3.05 -0.27 4.42
CA SER F 37 2.44 -1.04 5.49
C SER F 37 3.53 -1.18 6.55
N ALA F 38 3.19 -1.71 7.72
CA ALA F 38 4.18 -1.90 8.77
C ALA F 38 5.36 -2.60 8.10
N ASN F 39 6.57 -2.11 8.36
CA ASN F 39 7.75 -2.67 7.72
C ASN F 39 8.98 -2.37 8.56
N CYS F 40 8.74 -1.72 9.69
CA CYS F 40 9.83 -1.31 10.53
C CYS F 40 9.64 -1.72 11.99
N VAL F 41 10.76 -1.96 12.67
CA VAL F 41 10.71 -2.35 14.07
C VAL F 41 11.46 -1.38 14.97
N ILE F 42 10.77 -0.84 15.96
CA ILE F 42 11.37 0.10 16.92
C ILE F 42 11.79 -0.61 18.21
N LYS F 43 10.86 -1.38 18.79
CA LYS F 43 11.11 -2.10 20.04
C LYS F 43 12.39 -2.93 20.07
N GLU F 44 13.02 -2.98 21.24
CA GLU F 44 14.26 -3.72 21.44
C GLU F 44 14.18 -5.17 20.99
N GLY F 45 15.24 -5.61 20.32
CA GLY F 45 15.33 -6.98 19.84
C GLY F 45 14.06 -7.67 19.39
N GLU F 46 13.16 -6.93 18.72
CA GLU F 46 11.93 -7.51 18.22
C GLU F 46 12.14 -7.96 16.78
N ASP F 47 11.26 -8.82 16.29
CA ASP F 47 11.36 -9.32 14.93
C ASP F 47 10.31 -8.77 13.98
N SER F 48 9.06 -8.79 14.41
CA SER F 48 7.93 -8.31 13.59
C SER F 48 7.74 -6.79 13.61
N PRO F 49 7.41 -6.20 12.45
CA PRO F 49 7.18 -4.77 12.26
C PRO F 49 6.17 -4.15 13.23
N ASP F 50 6.62 -3.15 13.98
CA ASP F 50 5.73 -2.47 14.93
C ASP F 50 5.39 -1.04 14.48
N CYS F 51 5.89 -0.64 13.31
CA CYS F 51 5.58 0.69 12.79
C CYS F 51 5.98 0.92 11.31
N LYS F 52 5.33 1.90 10.71
CA LYS F 52 5.53 2.28 9.31
C LYS F 52 6.60 3.33 9.07
N LEU F 53 7.67 2.93 8.40
CA LEU F 53 8.76 3.83 8.08
C LEU F 53 8.62 4.29 6.64
N THR F 54 8.53 5.60 6.41
CA THR F 54 8.43 6.15 5.06
C THR F 54 9.74 6.84 4.82
N LEU F 55 10.54 6.30 3.92
CA LEU F 55 11.84 6.86 3.60
C LEU F 55 12.02 6.98 2.09
N VAL F 56 12.44 8.17 1.66
CA VAL F 56 12.65 8.50 0.26
C VAL F 56 14.04 9.08 0.08
N LEU F 57 14.81 8.48 -0.80
CA LEU F 57 16.16 8.96 -1.08
C LEU F 57 16.20 9.25 -2.58
N VAL F 58 16.68 10.44 -2.93
CA VAL F 58 16.72 10.86 -4.32
C VAL F 58 18.08 11.39 -4.74
N LYS F 59 18.58 10.88 -5.86
CA LYS F 59 19.85 11.34 -6.39
C LYS F 59 19.68 12.75 -6.96
N ASN F 60 20.58 13.64 -6.60
CA ASN F 60 20.53 15.03 -7.04
C ASN F 60 21.98 15.50 -7.17
N GLY F 61 22.61 15.16 -8.29
CA GLY F 61 24.00 15.55 -8.47
C GLY F 61 24.83 14.85 -7.41
N GLY F 62 25.77 15.58 -6.80
CA GLY F 62 26.61 14.98 -5.78
C GLY F 62 25.96 14.75 -4.43
N LEU F 63 24.65 14.99 -4.32
CA LEU F 63 23.94 14.80 -3.06
C LEU F 63 22.75 13.89 -3.19
N ILE F 64 22.24 13.48 -2.03
CA ILE F 64 21.03 12.68 -1.94
C ILE F 64 20.09 13.60 -1.17
N ASN F 65 18.82 13.63 -1.54
CA ASN F 65 17.83 14.46 -0.86
C ASN F 65 16.95 13.50 -0.12
N GLY F 66 16.88 13.64 1.20
CA GLY F 66 16.11 12.72 2.00
C GLY F 66 14.86 13.24 2.68
N TYR F 67 13.90 12.33 2.83
CA TYR F 67 12.62 12.60 3.45
C TYR F 67 12.27 11.38 4.31
N ILE F 68 12.15 11.57 5.62
CA ILE F 68 11.83 10.45 6.50
C ILE F 68 10.65 10.72 7.43
N THR F 69 9.77 9.73 7.55
CA THR F 69 8.58 9.84 8.38
C THR F 69 8.32 8.51 9.12
N LEU F 70 7.64 8.58 10.27
CA LEU F 70 7.32 7.38 11.05
C LEU F 70 5.88 7.41 11.53
N MET F 71 5.22 6.26 11.45
CA MET F 71 3.87 6.15 11.94
C MET F 71 3.71 4.81 12.66
N GLY F 72 3.76 4.86 13.99
CA GLY F 72 3.63 3.66 14.79
C GLY F 72 2.44 2.81 14.40
N ALA F 73 2.58 1.49 14.58
CA ALA F 73 1.50 0.57 14.25
C ALA F 73 1.43 -0.60 15.24
N SER F 74 1.60 -0.28 16.52
CA SER F 74 1.55 -1.28 17.58
C SER F 74 1.38 -0.58 18.92
N GLU F 75 0.59 -1.17 19.81
CA GLU F 75 0.33 -0.59 21.13
C GLU F 75 1.59 -0.06 21.82
N TYR F 76 2.73 -0.70 21.59
CA TYR F 76 3.97 -0.27 22.21
C TYR F 76 4.43 1.10 21.69
N THR F 77 4.55 1.23 20.37
CA THR F 77 4.97 2.49 19.76
C THR F 77 3.96 3.62 20.00
N ASN F 78 2.68 3.28 19.90
CA ASN F 78 1.62 4.26 20.10
C ASN F 78 1.34 4.54 21.56
N THR F 79 2.32 4.23 22.40
CA THR F 79 2.22 4.43 23.83
C THR F 79 3.51 5.05 24.36
N LEU F 80 4.58 4.95 23.57
CA LEU F 80 5.87 5.52 23.98
C LEU F 80 5.73 6.97 24.43
N PHE F 81 4.75 7.69 23.88
CA PHE F 81 4.57 9.08 24.24
C PHE F 81 3.72 9.39 25.46
N LYS F 82 3.75 8.47 26.42
CA LYS F 82 3.04 8.70 27.67
C LYS F 82 4.15 9.03 28.66
N ASN F 83 5.38 9.00 28.15
CA ASN F 83 6.59 9.33 28.91
C ASN F 83 7.17 10.60 28.30
N ASN F 84 7.61 11.52 29.16
CA ASN F 84 8.17 12.78 28.68
C ASN F 84 9.59 12.69 28.15
N GLN F 85 10.23 11.52 28.27
CA GLN F 85 11.60 11.35 27.78
C GLN F 85 11.71 10.08 26.93
N VAL F 86 11.57 10.23 25.61
CA VAL F 86 11.64 9.07 24.72
C VAL F 86 12.66 9.24 23.61
N THR F 87 13.24 8.13 23.17
CA THR F 87 14.21 8.16 22.07
C THR F 87 14.03 6.96 21.17
N ILE F 88 13.49 7.20 19.98
CA ILE F 88 13.24 6.14 19.00
C ILE F 88 14.43 6.00 18.06
N ASP F 89 14.70 4.77 17.66
CA ASP F 89 15.82 4.51 16.77
C ASP F 89 15.50 3.61 15.61
N VAL F 90 15.95 4.01 14.44
CA VAL F 90 15.75 3.25 13.22
C VAL F 90 17.16 3.16 12.63
N ASN F 91 17.71 1.94 12.64
CA ASN F 91 19.06 1.73 12.13
C ASN F 91 19.01 1.00 10.80
N LEU F 92 19.83 1.46 9.86
CA LEU F 92 19.88 0.87 8.53
C LEU F 92 21.29 0.46 8.14
N ALA F 93 21.44 -0.79 7.74
CA ALA F 93 22.73 -1.31 7.33
C ALA F 93 22.61 -1.81 5.89
N PHE F 94 23.59 -1.46 5.05
CA PHE F 94 23.55 -1.87 3.65
C PHE F 94 24.82 -2.61 3.27
N ASP F 95 24.72 -3.46 2.26
CA ASP F 95 25.90 -4.20 1.82
C ASP F 95 26.69 -3.38 0.81
N ASN F 96 27.67 -4.01 0.18
CA ASN F 96 28.52 -3.37 -0.80
C ASN F 96 27.77 -2.85 -2.03
N THR F 97 26.48 -3.18 -2.14
CA THR F 97 25.68 -2.72 -3.27
C THR F 97 24.41 -1.97 -2.87
N GLY F 98 24.45 -1.29 -1.74
CA GLY F 98 23.30 -0.51 -1.30
C GLY F 98 22.01 -1.26 -1.04
N GLN F 99 22.12 -2.55 -0.74
CA GLN F 99 20.95 -3.36 -0.45
C GLN F 99 20.79 -3.43 1.06
N ILE F 100 19.55 -3.40 1.52
CA ILE F 100 19.25 -3.46 2.94
C ILE F 100 19.52 -4.86 3.51
N ILE F 101 20.30 -4.91 4.59
CA ILE F 101 20.59 -6.17 5.27
C ILE F 101 19.60 -6.19 6.41
N THR F 102 18.46 -6.83 6.16
CA THR F 102 17.37 -6.90 7.12
C THR F 102 17.66 -7.42 8.53
N TYR F 103 18.58 -8.37 8.67
CA TYR F 103 18.88 -8.92 9.98
C TYR F 103 19.79 -8.01 10.80
N LEU F 104 20.20 -6.89 10.21
CA LEU F 104 21.04 -5.92 10.91
C LEU F 104 20.34 -4.57 10.98
N SER F 105 19.10 -4.50 10.49
CA SER F 105 18.37 -3.23 10.43
C SER F 105 16.97 -3.25 11.02
N SER F 106 16.46 -2.05 11.33
CA SER F 106 15.10 -1.92 11.87
C SER F 106 14.12 -2.15 10.73
N LEU F 107 14.53 -1.76 9.52
CA LEU F 107 13.72 -1.92 8.32
C LEU F 107 13.77 -3.38 7.86
N LYS F 108 12.62 -4.04 7.79
CA LYS F 108 12.62 -5.44 7.42
C LYS F 108 12.35 -5.77 5.94
N SER F 109 12.06 -4.76 5.14
CA SER F 109 11.82 -5.00 3.72
C SER F 109 12.63 -4.02 2.88
N ASN F 110 13.48 -4.56 2.02
CA ASN F 110 14.35 -3.74 1.19
C ASN F 110 13.69 -2.58 0.48
N LEU F 111 14.52 -1.57 0.20
CA LEU F 111 14.08 -0.38 -0.49
C LEU F 111 14.11 -0.72 -1.97
N ASN F 112 13.44 0.10 -2.77
CA ASN F 112 13.44 -0.09 -4.22
C ASN F 112 13.15 1.23 -4.95
N PHE F 113 13.26 1.18 -6.27
CA PHE F 113 13.05 2.32 -7.14
C PHE F 113 11.58 2.68 -7.20
N LYS F 114 11.29 3.93 -7.58
CA LYS F 114 9.92 4.43 -7.67
C LYS F 114 9.14 3.91 -8.88
N ASP F 115 7.95 3.39 -8.61
CA ASP F 115 7.05 2.91 -9.64
C ASP F 115 5.71 3.50 -9.25
N ASN F 116 5.46 4.73 -9.68
CA ASN F 116 4.25 5.44 -9.32
C ASN F 116 4.28 5.63 -7.81
N GLN F 117 3.24 5.22 -7.11
CA GLN F 117 3.25 5.39 -5.66
C GLN F 117 3.84 4.19 -4.90
N ASN F 118 4.40 3.21 -5.62
CA ASN F 118 4.96 2.02 -4.95
C ASN F 118 6.43 1.76 -5.18
N MET F 119 6.92 0.69 -4.56
CA MET F 119 8.31 0.30 -4.76
C MET F 119 8.30 -0.54 -6.03
N ALA F 120 9.39 -0.47 -6.78
CA ALA F 120 9.50 -1.23 -8.03
C ALA F 120 9.71 -2.71 -7.73
N THR F 121 8.98 -3.57 -8.43
CA THR F 121 9.09 -5.01 -8.27
C THR F 121 10.28 -5.53 -9.06
N GLY F 122 11.11 -6.35 -8.43
CA GLY F 122 12.26 -6.88 -9.12
C GLY F 122 13.55 -6.68 -8.35
N THR F 123 14.65 -7.21 -8.89
CA THR F 123 15.94 -7.08 -8.24
C THR F 123 16.68 -5.84 -8.68
N ILE F 124 17.29 -5.16 -7.73
CA ILE F 124 18.04 -3.94 -8.01
C ILE F 124 19.53 -4.26 -8.07
N THR F 125 20.11 -4.15 -9.26
CA THR F 125 21.53 -4.40 -9.42
C THR F 125 22.27 -3.12 -9.03
N SER F 126 22.79 -3.11 -7.81
CA SER F 126 23.53 -1.97 -7.27
C SER F 126 22.71 -0.68 -7.13
N ALA F 127 22.68 -0.19 -5.91
CA ALA F 127 22.00 1.04 -5.53
C ALA F 127 23.07 1.75 -4.71
N LYS F 128 24.31 1.43 -5.04
CA LYS F 128 25.48 1.98 -4.38
C LYS F 128 25.54 3.49 -4.44
N GLY F 129 24.92 4.07 -5.48
CA GLY F 129 24.92 5.50 -5.66
C GLY F 129 24.09 6.28 -4.66
N PHE F 130 23.14 5.61 -4.01
CA PHE F 130 22.30 6.27 -3.02
C PHE F 130 22.92 6.20 -1.64
N MET F 131 24.11 5.63 -1.55
CA MET F 131 24.77 5.47 -0.25
C MET F 131 25.64 6.64 0.17
N PRO F 132 25.90 6.73 1.48
CA PRO F 132 26.73 7.78 2.08
C PRO F 132 28.20 7.64 1.70
N SER F 133 28.77 8.70 1.17
CA SER F 133 30.17 8.68 0.79
C SER F 133 31.08 8.28 1.98
N THR F 134 31.85 7.22 1.79
CA THR F 134 32.76 6.76 2.83
C THR F 134 33.97 7.68 2.83
N THR F 135 34.02 8.58 1.85
CA THR F 135 35.11 9.54 1.72
C THR F 135 34.77 10.74 2.60
N ALA F 136 33.49 11.10 2.61
CA ALA F 136 33.03 12.24 3.41
C ALA F 136 32.72 11.79 4.83
N TYR F 137 32.08 10.63 4.96
CA TYR F 137 31.72 10.08 6.26
C TYR F 137 32.46 8.75 6.44
N PRO F 138 33.70 8.81 6.95
CA PRO F 138 34.53 7.63 7.17
C PRO F 138 34.03 6.65 8.22
N PHE F 139 34.65 5.47 8.22
CA PHE F 139 34.33 4.42 9.19
C PHE F 139 35.46 4.38 10.21
N ILE F 140 35.13 4.00 11.44
CA ILE F 140 36.11 3.93 12.52
C ILE F 140 37.18 2.86 12.24
N THR F 141 38.40 3.15 12.64
CA THR F 141 39.52 2.23 12.44
C THR F 141 40.34 2.11 13.73
N TYR F 142 40.00 2.92 14.73
CA TYR F 142 40.66 2.92 16.03
C TYR F 142 39.70 3.47 17.10
N ALA F 143 39.77 2.89 18.30
CA ALA F 143 38.91 3.28 19.43
C ALA F 143 38.61 4.77 19.60
N THR F 144 39.62 5.53 20.00
CA THR F 144 39.47 6.96 20.24
C THR F 144 39.19 7.82 19.01
N GLU F 145 38.42 7.28 18.07
CA GLU F 145 38.06 8.02 16.86
C GLU F 145 36.62 8.47 17.01
N THR F 146 36.41 9.77 17.15
CA THR F 146 35.08 10.32 17.31
C THR F 146 34.30 10.53 16.01
N LEU F 147 35.01 10.91 14.94
CA LEU F 147 34.38 11.15 13.64
C LEU F 147 33.03 11.86 13.79
N ASN F 148 33.05 13.10 14.26
CA ASN F 148 31.79 13.82 14.44
C ASN F 148 31.15 14.39 13.17
N GLU F 149 31.87 14.36 12.04
CA GLU F 149 31.31 14.86 10.80
C GLU F 149 30.35 13.83 10.24
N ASP F 150 30.18 12.73 10.96
CA ASP F 150 29.28 11.67 10.51
C ASP F 150 27.87 11.86 11.02
N TYR F 151 27.63 13.00 11.67
CA TYR F 151 26.30 13.28 12.21
C TYR F 151 25.60 14.51 11.61
N ILE F 152 24.30 14.36 11.35
CA ILE F 152 23.48 15.44 10.85
C ILE F 152 22.47 15.64 11.96
N TYR F 153 22.26 16.87 12.39
CA TYR F 153 21.27 17.14 13.42
C TYR F 153 20.21 18.07 12.86
N GLY F 154 18.97 17.88 13.29
CA GLY F 154 17.87 18.70 12.82
C GLY F 154 16.69 18.52 13.74
N GLU F 155 15.49 18.63 13.20
CA GLU F 155 14.31 18.49 14.03
C GLU F 155 12.98 18.39 13.29
N CYS F 156 12.01 17.71 13.90
CA CYS F 156 10.68 17.56 13.35
C CYS F 156 9.73 17.62 14.53
N TYR F 157 8.44 17.36 14.34
CA TYR F 157 7.51 17.49 15.45
C TYR F 157 6.46 16.40 15.58
N TYR F 158 5.82 16.38 16.75
CA TYR F 158 4.73 15.47 17.03
C TYR F 158 3.58 16.35 17.51
N LYS F 159 2.42 16.17 16.91
CA LYS F 159 1.24 16.94 17.29
C LYS F 159 0.42 16.05 18.22
N SER F 160 0.24 16.50 19.45
CA SER F 160 -0.52 15.73 20.43
C SER F 160 -2.01 15.82 20.19
N THR F 161 -2.76 15.04 20.97
CA THR F 161 -4.21 15.01 20.90
C THR F 161 -4.85 16.38 21.06
N ASN F 162 -4.36 17.16 22.03
CA ASN F 162 -4.94 18.49 22.29
C ASN F 162 -4.45 19.55 21.33
N GLY F 163 -3.46 19.20 20.50
CA GLY F 163 -2.96 20.14 19.52
C GLY F 163 -1.61 20.80 19.73
N THR F 164 -0.91 20.45 20.81
CA THR F 164 0.39 21.07 21.05
C THR F 164 1.52 20.34 20.33
N LEU F 165 2.41 21.10 19.71
CA LEU F 165 3.53 20.53 18.99
C LEU F 165 4.73 20.38 19.89
N PHE F 166 5.31 19.20 19.93
CA PHE F 166 6.49 18.95 20.75
C PHE F 166 7.66 18.77 19.78
N PRO F 167 8.80 19.39 20.08
CA PRO F 167 9.94 19.25 19.19
C PRO F 167 10.66 17.93 19.39
N LEU F 168 11.08 17.32 18.28
CA LEU F 168 11.80 16.07 18.36
C LEU F 168 13.17 16.28 17.74
N LYS F 169 14.21 16.19 18.55
CA LYS F 169 15.57 16.34 18.06
C LYS F 169 15.84 15.10 17.22
N VAL F 170 16.31 15.31 15.99
CA VAL F 170 16.59 14.21 15.09
C VAL F 170 18.10 14.12 14.88
N THR F 171 18.63 12.90 14.95
CA THR F 171 20.06 12.73 14.70
C THR F 171 20.20 11.68 13.63
N VAL F 172 21.15 11.91 12.73
CA VAL F 172 21.40 10.97 11.66
C VAL F 172 22.87 10.61 11.72
N THR F 173 23.14 9.31 11.67
CA THR F 173 24.52 8.85 11.70
C THR F 173 24.77 8.20 10.35
N LEU F 174 25.86 8.60 9.72
CA LEU F 174 26.20 8.07 8.42
C LEU F 174 27.47 7.27 8.61
N ASN F 175 27.43 6.01 8.18
CA ASN F 175 28.57 5.09 8.33
C ASN F 175 29.09 5.12 9.78
N ARG F 176 30.39 5.35 9.92
CA ARG F 176 31.03 5.42 11.22
C ARG F 176 31.26 4.07 11.91
N ARG F 177 30.18 3.42 12.34
CA ARG F 177 30.29 2.12 13.01
C ARG F 177 29.77 0.95 12.19
N MET F 178 30.69 0.08 11.79
CA MET F 178 30.40 -1.11 10.99
C MET F 178 29.99 -2.26 11.94
N LEU F 179 28.96 -3.02 11.58
CA LEU F 179 28.49 -4.11 12.44
C LEU F 179 28.95 -5.52 12.04
N ALA F 180 28.37 -6.07 10.98
CA ALA F 180 28.72 -7.41 10.51
C ALA F 180 29.81 -7.31 9.45
N SER F 181 30.29 -8.47 9.01
CA SER F 181 31.32 -8.50 7.99
C SER F 181 30.81 -8.06 6.63
N GLY F 182 29.53 -8.31 6.37
CA GLY F 182 28.96 -7.92 5.09
C GLY F 182 28.32 -6.55 5.09
N MET F 183 28.88 -5.62 5.85
CA MET F 183 28.32 -4.28 5.94
C MET F 183 29.21 -3.23 5.27
N ALA F 184 28.67 -2.56 4.25
CA ALA F 184 29.40 -1.53 3.50
C ALA F 184 29.04 -0.09 3.89
N TYR F 185 27.77 0.14 4.20
CA TYR F 185 27.32 1.48 4.57
C TYR F 185 26.33 1.45 5.73
N ALA F 186 26.22 2.58 6.43
CA ALA F 186 25.31 2.68 7.57
C ALA F 186 24.57 4.01 7.61
N MET F 187 23.26 3.94 7.85
CA MET F 187 22.42 5.12 7.93
C MET F 187 21.48 4.98 9.13
N ASN F 188 21.76 5.69 10.22
CA ASN F 188 20.90 5.57 11.42
C ASN F 188 20.14 6.83 11.79
N PHE F 189 18.89 6.66 12.19
CA PHE F 189 18.05 7.77 12.58
C PHE F 189 17.54 7.67 14.02
N SER F 190 17.66 8.76 14.78
CA SER F 190 17.15 8.75 16.14
C SER F 190 16.35 10.01 16.44
N TRP F 191 15.11 9.82 16.85
CA TRP F 191 14.20 10.90 17.22
C TRP F 191 14.27 11.02 18.75
N SER F 192 14.36 12.24 19.26
CA SER F 192 14.44 12.45 20.70
C SER F 192 13.38 13.38 21.31
N LEU F 193 12.63 12.86 22.27
CA LEU F 193 11.61 13.63 22.96
C LEU F 193 12.13 13.92 24.36
N ASN F 194 11.89 15.14 24.84
CA ASN F 194 12.31 15.53 26.18
C ASN F 194 11.49 16.74 26.63
N ALA F 195 10.21 16.49 26.91
CA ALA F 195 9.32 17.54 27.33
C ALA F 195 9.21 17.66 28.85
N GLU F 196 8.45 18.67 29.28
CA GLU F 196 8.20 18.93 30.67
C GLU F 196 7.38 17.75 31.18
N GLU F 197 6.43 17.35 30.35
CA GLU F 197 5.55 16.24 30.69
C GLU F 197 5.13 15.46 29.46
N ALA F 198 4.60 14.26 29.69
CA ALA F 198 4.15 13.36 28.63
C ALA F 198 3.14 13.99 27.68
N PRO F 199 3.40 13.89 26.37
CA PRO F 199 2.49 14.45 25.37
C PRO F 199 1.08 13.88 25.49
N GLU F 200 1.02 12.57 25.73
CA GLU F 200 -0.26 11.87 25.85
C GLU F 200 -0.51 11.12 27.17
N THR F 201 -1.73 10.60 27.27
CA THR F 201 -2.19 9.83 28.43
C THR F 201 -2.72 8.50 27.92
N THR F 202 -3.22 8.53 26.67
CA THR F 202 -3.79 7.35 26.04
C THR F 202 -2.88 6.79 24.96
N GLU F 203 -3.38 5.78 24.26
CA GLU F 203 -2.67 5.15 23.17
C GLU F 203 -3.08 5.98 21.96
N VAL F 204 -2.11 6.61 21.32
CA VAL F 204 -2.38 7.44 20.15
C VAL F 204 -1.34 7.12 19.10
N THR F 205 -1.78 7.01 17.84
CA THR F 205 -0.85 6.71 16.75
C THR F 205 0.34 7.67 16.77
N LEU F 206 1.54 7.11 16.88
CA LEU F 206 2.74 7.94 16.89
C LEU F 206 3.01 8.42 15.47
N ILE F 207 3.07 9.75 15.30
CA ILE F 207 3.31 10.36 14.00
C ILE F 207 4.40 11.45 14.06
N THR F 208 5.49 11.27 13.32
CA THR F 208 6.56 12.28 13.31
C THR F 208 6.48 13.10 12.02
N SER F 209 6.41 14.44 12.15
CA SER F 209 6.34 15.33 11.00
C SER F 209 7.55 15.10 10.10
N PRO F 210 7.40 15.31 8.79
CA PRO F 210 8.52 15.11 7.87
C PRO F 210 9.82 15.77 8.30
N PHE F 211 10.92 15.08 8.10
CA PHE F 211 12.21 15.62 8.43
C PHE F 211 13.01 15.57 7.15
N PHE F 212 13.65 16.68 6.78
CA PHE F 212 14.40 16.74 5.53
C PHE F 212 15.89 16.81 5.77
N PHE F 213 16.67 16.30 4.82
CA PHE F 213 18.11 16.31 4.98
C PHE F 213 18.80 15.93 3.68
N SER F 214 20.11 16.13 3.63
CA SER F 214 20.90 15.80 2.45
C SER F 214 22.29 15.31 2.88
N TYR F 215 22.96 14.57 2.01
CA TYR F 215 24.32 14.10 2.30
C TYR F 215 25.11 13.81 1.04
N ILE F 216 26.43 13.98 1.13
CA ILE F 216 27.34 13.73 0.02
C ILE F 216 27.21 12.23 -0.29
N ARG F 217 26.91 11.89 -1.54
CA ARG F 217 26.73 10.49 -1.86
C ARG F 217 27.96 9.76 -2.39
N GLU F 218 27.87 8.43 -2.31
CA GLU F 218 28.89 7.50 -2.75
C GLU F 218 28.75 7.32 -4.26
N ASP F 219 29.88 7.21 -4.96
CA ASP F 219 29.85 7.03 -6.41
C ASP F 219 28.99 5.83 -6.78
N ASP F 220 28.47 5.80 -8.00
CA ASP F 220 27.63 4.69 -8.44
C ASP F 220 28.42 3.39 -8.60
#